data_8V0C
#
_entry.id   8V0C
#
_cell.length_a   50.020
_cell.length_b   105.183
_cell.length_c   193.625
_cell.angle_alpha   90.00
_cell.angle_beta   90.00
_cell.angle_gamma   90.00
#
_symmetry.space_group_name_H-M   'P 21 21 21'
#
loop_
_entity.id
_entity.type
_entity.pdbx_description
1 polymer 'Tyrosyl-DNA phosphodiesterase 1'
2 non-polymer 1,2-ETHANEDIOL
3 non-polymer '(8M)-8-(2-{[2-(fluorosulfonyl)ethyl]amino}phenyl)-4-oxo-1,4-dihydroquinoline-3-carboxylic acid'
4 non-polymer DI(HYDROXYETHYL)ETHER
5 non-polymer 'DIMETHYL SULFOXIDE'
6 water water
#
_entity_poly.entity_id   1
_entity_poly.type   'polypeptide(L)'
_entity_poly.pdbx_seq_one_letter_code
;SGEGQDIWDMLDKGNPFQFYLTRVSGVKPKYNSGALHIKDILSPLFGTLVSSAQFNYCFDVDWLVKQYPPEFRKKPILLV
HGDKREAKAHLHAQAKPYENISLCQAKLDIAFGTHHTKMMLLLYEEGLRVVIHTSNLIHADWHQKTQGIWLSPLYPRIAD
GTHKSGESPTHFKADLISYLMAYNAPSLKEWIDVIHKHDLSETNVYLIGSTPGRFQGSQKDNWGHFRLKKLLKDHASSMP
NAESWPVVGQFSSVGSLGADESKWLCSEFKESMLTLGKESKTPGKSSVPLYLIYPSVENVRTSLEGYPAGGSLPYSIQTA
EKQNWLHSYFHKWSAETSGRSNAMPHIKTYMRPSPDFSKIAWFLVTSANLSKAAWGALEKNGTQLMIRSYELGVLFLPSA
FGLDSFKVKQKFFAGSQEPMATFPVPYDLPPELYGSKDRPWIWNIPYVKAPDTHGNMWVPS
;
_entity_poly.pdbx_strand_id   A,B
#
loop_
_chem_comp.id
_chem_comp.type
_chem_comp.name
_chem_comp.formula
DMS non-polymer 'DIMETHYL SULFOXIDE' 'C2 H6 O S'
EDO non-polymer 1,2-ETHANEDIOL 'C2 H6 O2'
PEG non-polymer DI(HYDROXYETHYL)ETHER 'C4 H10 O3'
YE3 non-polymer '(8M)-8-(2-{[2-(fluorosulfonyl)ethyl]amino}phenyl)-4-oxo-1,4-dihydroquinoline-3-carboxylic acid' 'C18 H15 F N2 O5 S'
#
# COMPACT_ATOMS: atom_id res chain seq x y z
N ASN A 15 -15.36 -0.49 18.37
CA ASN A 15 -15.64 -0.72 16.95
C ASN A 15 -14.47 -0.25 16.10
N PRO A 16 -14.25 -0.90 14.96
CA PRO A 16 -13.08 -0.57 14.13
C PRO A 16 -13.28 0.63 13.22
N PHE A 17 -14.52 1.10 13.00
CA PHE A 17 -14.71 2.07 11.94
C PHE A 17 -14.51 3.49 12.41
N GLN A 18 -14.85 3.80 13.67
CA GLN A 18 -14.65 5.14 14.22
C GLN A 18 -15.37 6.19 13.37
N PHE A 19 -16.57 5.84 12.91
CA PHE A 19 -17.42 6.74 12.15
C PHE A 19 -18.54 7.18 13.08
N TYR A 20 -18.69 8.49 13.26
CA TYR A 20 -19.64 9.07 14.19
C TYR A 20 -20.54 10.07 13.49
N LEU A 21 -21.71 10.31 14.08
CA LEU A 21 -22.54 11.46 13.74
C LEU A 21 -22.37 12.53 14.80
N THR A 22 -22.66 13.78 14.41
CA THR A 22 -22.69 14.84 15.41
C THR A 22 -23.94 14.72 16.29
N ARG A 23 -23.86 15.32 17.47
CA ARG A 23 -25.00 15.40 18.37
C ARG A 23 -26.11 16.26 17.76
N VAL A 24 -27.37 15.85 17.97
CA VAL A 24 -28.53 16.59 17.47
C VAL A 24 -29.36 17.01 18.68
N SER A 25 -29.55 18.31 18.82
N SER A 25 -29.54 18.32 18.83
CA SER A 25 -30.36 18.83 19.92
CA SER A 25 -30.37 18.84 19.91
C SER A 25 -31.84 18.58 19.62
C SER A 25 -31.84 18.57 19.61
N GLY A 26 -32.50 17.83 20.49
CA GLY A 26 -33.92 17.55 20.36
C GLY A 26 -34.27 16.09 20.15
N VAL A 27 -33.32 15.21 19.85
CA VAL A 27 -33.60 13.79 19.76
C VAL A 27 -33.44 13.17 21.14
N LYS A 28 -34.06 12.01 21.33
CA LYS A 28 -33.96 11.30 22.59
C LYS A 28 -32.51 10.92 22.87
N PRO A 29 -32.13 10.82 24.14
CA PRO A 29 -30.72 10.51 24.48
C PRO A 29 -30.15 9.27 23.80
N LYS A 30 -30.98 8.25 23.55
CA LYS A 30 -30.48 7.05 22.89
C LYS A 30 -29.92 7.34 21.50
N TYR A 31 -30.39 8.40 20.85
CA TYR A 31 -29.87 8.79 19.54
C TYR A 31 -28.68 9.75 19.61
N ASN A 32 -28.25 10.16 20.80
CA ASN A 32 -27.03 10.94 20.94
C ASN A 32 -25.95 10.23 21.72
N SER A 33 -26.26 9.11 22.37
CA SER A 33 -25.24 8.30 23.01
C SER A 33 -24.43 7.62 21.91
N GLY A 34 -23.15 7.94 21.84
CA GLY A 34 -22.35 7.51 20.71
C GLY A 34 -22.23 8.54 19.63
N ALA A 35 -22.89 9.68 19.74
CA ALA A 35 -22.64 10.81 18.87
C ALA A 35 -21.62 11.74 19.52
N LEU A 36 -21.03 12.62 18.71
CA LEU A 36 -19.97 13.51 19.18
C LEU A 36 -20.30 14.96 18.89
N HIS A 37 -20.25 15.80 19.91
CA HIS A 37 -20.24 17.23 19.71
C HIS A 37 -18.79 17.69 19.59
N ILE A 38 -18.60 18.89 19.01
CA ILE A 38 -17.24 19.42 18.86
C ILE A 38 -16.56 19.56 20.22
N LYS A 39 -17.32 19.90 21.28
CA LYS A 39 -16.74 19.97 22.61
C LYS A 39 -16.20 18.63 23.05
N ASP A 40 -16.81 17.53 22.63
CA ASP A 40 -16.29 16.21 22.96
C ASP A 40 -14.98 15.94 22.23
N ILE A 41 -14.94 16.29 20.94
CA ILE A 41 -13.73 16.02 20.15
C ILE A 41 -12.53 16.77 20.73
N LEU A 42 -12.72 18.00 21.20
CA LEU A 42 -11.62 18.82 21.70
C LEU A 42 -11.36 18.64 23.20
N SER A 43 -12.13 17.76 23.86
N SER A 43 -12.13 17.80 23.89
CA SER A 43 -12.02 17.57 25.30
CA SER A 43 -12.00 17.67 25.33
C SER A 43 -10.62 17.09 25.69
C SER A 43 -10.64 17.10 25.71
N PRO A 44 -10.18 17.36 26.92
N PRO A 44 -10.16 17.38 26.93
CA PRO A 44 -8.89 16.82 27.37
CA PRO A 44 -8.88 16.81 27.36
C PRO A 44 -8.88 15.30 27.41
C PRO A 44 -8.87 15.29 27.39
N LEU A 45 -10.04 14.64 27.48
CA LEU A 45 -10.07 13.19 27.46
C LEU A 45 -9.55 12.62 26.14
N PHE A 46 -9.58 13.41 25.07
CA PHE A 46 -9.04 12.96 23.79
C PHE A 46 -7.55 13.23 23.65
N GLY A 47 -6.96 14.04 24.52
CA GLY A 47 -5.55 14.36 24.43
C GLY A 47 -5.28 15.73 25.00
N THR A 48 -4.04 15.94 25.43
CA THR A 48 -3.61 17.22 25.99
C THR A 48 -3.12 18.10 24.84
N LEU A 49 -3.95 19.05 24.43
CA LEU A 49 -3.69 19.82 23.21
C LEU A 49 -2.47 20.72 23.35
N VAL A 50 -1.61 20.64 22.33
N VAL A 50 -1.65 20.76 22.30
CA VAL A 50 -0.47 21.53 22.17
CA VAL A 50 -0.59 21.75 22.24
C VAL A 50 -0.74 22.59 21.11
C VAL A 50 -0.67 22.63 20.99
N SER A 51 -1.37 22.18 20.01
N SER A 51 -1.33 22.18 19.92
CA SER A 51 -1.71 23.06 18.90
CA SER A 51 -1.53 22.98 18.72
C SER A 51 -2.70 22.33 18.00
C SER A 51 -2.58 22.30 17.87
N SER A 52 -3.34 23.09 17.12
CA SER A 52 -4.34 22.52 16.24
C SER A 52 -4.44 23.29 14.93
N ALA A 53 -4.88 22.58 13.90
CA ALA A 53 -5.21 23.19 12.61
C ALA A 53 -6.67 22.88 12.31
N GLN A 54 -7.43 23.91 11.95
CA GLN A 54 -8.84 23.75 11.58
C GLN A 54 -8.99 24.11 10.10
N PHE A 55 -9.12 23.07 9.26
CA PHE A 55 -9.43 23.24 7.84
C PHE A 55 -10.93 23.33 7.71
N ASN A 56 -11.43 24.37 7.04
CA ASN A 56 -12.87 24.43 6.86
C ASN A 56 -13.23 25.44 5.76
N TYR A 57 -14.53 25.62 5.58
CA TYR A 57 -15.09 26.59 4.64
C TYR A 57 -15.56 27.83 5.38
N CYS A 58 -16.47 27.69 6.34
N CYS A 58 -16.49 27.68 6.31
CA CYS A 58 -17.05 28.80 7.09
CA CYS A 58 -17.02 28.78 7.11
C CYS A 58 -16.71 28.70 8.57
C CYS A 58 -16.57 28.67 8.55
N PHE A 59 -16.31 29.83 9.16
CA PHE A 59 -15.83 29.91 10.55
C PHE A 59 -16.58 31.00 11.31
N ASP A 60 -17.01 30.68 12.52
CA ASP A 60 -17.39 31.67 13.54
C ASP A 60 -16.31 31.55 14.59
N VAL A 61 -15.36 32.48 14.57
CA VAL A 61 -14.15 32.31 15.38
C VAL A 61 -14.47 32.43 16.87
N ASP A 62 -15.33 33.40 17.25
CA ASP A 62 -15.73 33.51 18.65
C ASP A 62 -16.34 32.20 19.13
N TRP A 63 -17.26 31.63 18.34
CA TRP A 63 -17.84 30.35 18.68
C TRP A 63 -16.79 29.25 18.77
N LEU A 64 -15.91 29.19 17.77
CA LEU A 64 -14.94 28.12 17.69
C LEU A 64 -14.05 28.08 18.92
N VAL A 65 -13.55 29.24 19.35
CA VAL A 65 -12.63 29.24 20.49
C VAL A 65 -13.34 28.75 21.74
N LYS A 66 -14.62 29.09 21.89
CA LYS A 66 -15.40 28.62 23.05
C LYS A 66 -15.59 27.11 23.05
N GLN A 67 -15.41 26.42 21.91
CA GLN A 67 -15.55 24.97 21.86
C GLN A 67 -14.33 24.23 22.39
N TYR A 68 -13.19 24.89 22.46
CA TYR A 68 -12.00 24.33 23.08
C TYR A 68 -12.15 24.38 24.60
N PRO A 69 -11.57 23.42 25.32
CA PRO A 69 -11.60 23.50 26.78
C PRO A 69 -10.93 24.79 27.24
N PRO A 70 -11.41 25.38 28.34
CA PRO A 70 -10.82 26.64 28.80
C PRO A 70 -9.31 26.60 28.93
N GLU A 71 -8.77 25.51 29.45
CA GLU A 71 -7.33 25.39 29.64
C GLU A 71 -6.55 25.32 28.34
N PHE A 72 -7.21 25.03 27.20
CA PHE A 72 -6.54 24.92 25.91
C PHE A 72 -6.82 26.09 24.98
N ARG A 73 -7.53 27.12 25.44
CA ARG A 73 -8.01 28.14 24.51
C ARG A 73 -6.92 29.08 24.00
N LYS A 74 -5.74 29.08 24.60
CA LYS A 74 -4.65 29.92 24.13
C LYS A 74 -3.57 29.15 23.40
N LYS A 75 -3.73 27.84 23.21
CA LYS A 75 -2.80 27.08 22.39
C LYS A 75 -2.94 27.53 20.93
N PRO A 76 -1.86 27.47 20.15
CA PRO A 76 -1.93 27.92 18.75
C PRO A 76 -3.01 27.20 17.95
N ILE A 77 -3.76 27.97 17.15
CA ILE A 77 -4.76 27.45 16.21
C ILE A 77 -4.43 28.02 14.84
N LEU A 78 -4.41 27.17 13.81
CA LEU A 78 -4.28 27.61 12.42
C LEU A 78 -5.62 27.42 11.73
N LEU A 79 -6.17 28.49 11.14
CA LEU A 79 -7.38 28.38 10.34
C LEU A 79 -6.99 28.28 8.86
N VAL A 80 -7.33 27.16 8.22
CA VAL A 80 -7.07 26.97 6.79
C VAL A 80 -8.38 27.20 6.03
N HIS A 81 -8.41 28.22 5.19
CA HIS A 81 -9.64 28.68 4.54
C HIS A 81 -9.34 29.01 3.09
N GLY A 82 -10.37 29.38 2.33
CA GLY A 82 -10.19 29.78 0.96
C GLY A 82 -10.68 31.18 0.62
N ASP A 83 -10.96 32.00 1.62
CA ASP A 83 -11.57 33.31 1.39
C ASP A 83 -10.60 34.30 0.75
N LYS A 84 -11.16 35.19 -0.08
CA LYS A 84 -10.44 36.26 -0.76
C LYS A 84 -11.10 37.60 -0.50
N ARG A 85 -10.36 38.66 -0.81
CA ARG A 85 -10.87 40.03 -0.91
C ARG A 85 -11.60 40.40 0.38
N GLU A 86 -12.85 40.90 0.31
CA GLU A 86 -13.53 41.35 1.52
C GLU A 86 -13.83 40.20 2.47
N ALA A 87 -14.14 39.01 1.92
CA ALA A 87 -14.39 37.85 2.76
C ALA A 87 -13.15 37.48 3.58
N LYS A 88 -11.98 37.52 2.96
CA LYS A 88 -10.74 37.28 3.69
C LYS A 88 -10.53 38.33 4.78
N ALA A 89 -10.76 39.61 4.45
CA ALA A 89 -10.62 40.66 5.45
C ALA A 89 -11.55 40.41 6.64
N HIS A 90 -12.77 39.93 6.38
CA HIS A 90 -13.71 39.67 7.48
C HIS A 90 -13.20 38.56 8.39
N LEU A 91 -12.63 37.50 7.81
CA LEU A 91 -12.15 36.40 8.64
C LEU A 91 -10.98 36.84 9.51
N HIS A 92 -10.04 37.60 8.93
CA HIS A 92 -8.94 38.15 9.72
C HIS A 92 -9.46 39.02 10.85
N ALA A 93 -10.51 39.81 10.59
CA ALA A 93 -11.05 40.66 11.64
C ALA A 93 -11.64 39.83 12.77
N GLN A 94 -12.29 38.71 12.41
CA GLN A 94 -12.83 37.77 13.40
C GLN A 94 -11.74 37.22 14.30
N ALA A 95 -10.57 36.92 13.74
CA ALA A 95 -9.50 36.27 14.49
C ALA A 95 -8.57 37.24 15.20
N LYS A 96 -8.56 38.51 14.79
CA LYS A 96 -7.65 39.49 15.37
C LYS A 96 -7.65 39.55 16.90
N PRO A 97 -8.77 39.41 17.61
CA PRO A 97 -8.70 39.46 19.08
C PRO A 97 -7.95 38.31 19.71
N TYR A 98 -7.70 37.22 18.98
CA TYR A 98 -7.05 36.03 19.52
C TYR A 98 -5.64 35.95 18.95
N GLU A 99 -4.66 36.33 19.77
CA GLU A 99 -3.26 36.41 19.33
C GLU A 99 -2.68 35.06 18.98
N ASN A 100 -3.29 33.97 19.47
CA ASN A 100 -2.82 32.63 19.19
C ASN A 100 -3.35 32.07 17.88
N ILE A 101 -4.15 32.80 17.13
CA ILE A 101 -4.75 32.27 15.91
C ILE A 101 -3.99 32.81 14.70
N SER A 102 -3.53 31.89 13.85
N SER A 102 -3.58 31.91 13.82
CA SER A 102 -2.91 32.16 12.57
CA SER A 102 -2.98 32.27 12.54
C SER A 102 -3.84 31.67 11.46
C SER A 102 -3.83 31.71 11.42
N LEU A 103 -3.63 32.21 10.25
N LEU A 103 -3.66 32.28 10.23
CA LEU A 103 -4.49 31.88 9.13
CA LEU A 103 -4.52 31.94 9.09
C LEU A 103 -3.65 31.46 7.93
C LEU A 103 -3.67 31.49 7.91
N CYS A 104 -4.20 30.54 7.14
CA CYS A 104 -3.58 30.10 5.90
C CYS A 104 -4.64 30.19 4.81
N GLN A 105 -4.41 31.04 3.81
CA GLN A 105 -5.32 31.18 2.68
C GLN A 105 -4.92 30.17 1.60
N ALA A 106 -5.76 29.16 1.43
CA ALA A 106 -5.48 28.15 0.40
C ALA A 106 -5.63 28.77 -0.98
N LYS A 107 -4.66 28.53 -1.85
CA LYS A 107 -4.73 29.10 -3.19
C LYS A 107 -5.85 28.45 -3.99
N LEU A 108 -6.59 29.27 -4.73
CA LEU A 108 -7.73 28.83 -5.53
C LEU A 108 -7.57 29.47 -6.89
N ASP A 109 -6.68 28.90 -7.71
CA ASP A 109 -6.29 29.52 -8.97
C ASP A 109 -7.17 29.15 -10.14
N ILE A 110 -8.17 28.29 -9.93
CA ILE A 110 -9.17 27.98 -10.93
C ILE A 110 -10.48 28.63 -10.52
N ALA A 111 -11.14 29.28 -11.49
CA ALA A 111 -12.36 30.02 -11.19
C ALA A 111 -13.43 29.08 -10.61
N PHE A 112 -14.28 29.65 -9.76
CA PHE A 112 -15.43 28.99 -9.17
C PHE A 112 -15.04 27.82 -8.27
N GLY A 113 -13.81 27.81 -7.78
CA GLY A 113 -13.38 26.82 -6.82
C GLY A 113 -13.51 27.33 -5.40
N THR A 114 -13.55 26.40 -4.47
CA THR A 114 -13.77 26.71 -3.06
C THR A 114 -12.92 25.79 -2.19
N HIS A 115 -12.60 26.24 -0.98
CA HIS A 115 -11.93 25.37 -0.01
C HIS A 115 -13.00 24.74 0.88
N HIS A 116 -13.40 23.51 0.54
CA HIS A 116 -14.50 22.84 1.24
C HIS A 116 -14.04 21.81 2.27
N THR A 117 -12.78 21.38 2.24
CA THR A 117 -12.28 20.37 3.16
C THR A 117 -12.53 20.73 4.62
N LYS A 118 -13.00 19.75 5.39
CA LYS A 118 -13.27 19.92 6.82
C LYS A 118 -12.44 18.90 7.58
N MET A 119 -11.40 19.39 8.25
CA MET A 119 -10.41 18.52 8.87
C MET A 119 -9.83 19.23 10.07
N MET A 120 -9.61 18.48 11.14
CA MET A 120 -8.86 18.95 12.30
C MET A 120 -7.58 18.15 12.40
N LEU A 121 -6.47 18.84 12.58
CA LEU A 121 -5.22 18.22 12.98
C LEU A 121 -4.99 18.64 14.43
N LEU A 122 -4.87 17.66 15.32
CA LEU A 122 -4.85 17.88 16.76
C LEU A 122 -3.53 17.31 17.28
N LEU A 123 -2.58 18.20 17.57
CA LEU A 123 -1.29 17.79 18.12
C LEU A 123 -1.35 17.82 19.64
N TYR A 124 -1.00 16.70 20.25
CA TYR A 124 -1.11 16.52 21.69
C TYR A 124 0.25 16.24 22.29
N GLU A 125 0.32 16.36 23.62
N GLU A 125 0.31 16.40 23.61
CA GLU A 125 1.50 15.90 24.32
CA GLU A 125 1.43 15.91 24.39
C GLU A 125 1.69 14.39 24.17
C GLU A 125 1.68 14.42 24.13
N GLU A 126 0.59 13.67 23.93
CA GLU A 126 0.61 12.21 23.85
C GLU A 126 0.67 11.67 22.42
N GLY A 127 0.55 12.51 21.42
CA GLY A 127 0.53 12.01 20.04
C GLY A 127 -0.19 12.99 19.14
N LEU A 128 -0.79 12.44 18.09
CA LEU A 128 -1.44 13.23 17.04
C LEU A 128 -2.76 12.56 16.68
N ARG A 129 -3.78 13.37 16.43
CA ARG A 129 -5.06 12.86 15.94
C ARG A 129 -5.47 13.64 14.71
N VAL A 130 -6.08 12.95 13.76
CA VAL A 130 -6.65 13.54 12.55
C VAL A 130 -8.15 13.33 12.59
N VAL A 131 -8.92 14.38 12.35
CA VAL A 131 -10.39 14.30 12.30
C VAL A 131 -10.82 14.80 10.94
N ILE A 132 -11.52 13.97 10.17
CA ILE A 132 -12.05 14.37 8.88
C ILE A 132 -13.57 14.31 8.97
N HIS A 133 -14.25 15.41 8.67
CA HIS A 133 -15.67 15.50 9.01
C HIS A 133 -16.39 16.35 7.97
N THR A 134 -17.64 16.73 8.27
CA THR A 134 -18.46 17.41 7.26
C THR A 134 -19.04 18.75 7.72
N SER A 135 -18.75 19.20 8.94
CA SER A 135 -19.39 20.40 9.49
C SER A 135 -18.56 21.65 9.36
N ASN A 136 -19.22 22.75 9.01
CA ASN A 136 -18.62 24.08 9.17
C ASN A 136 -18.44 24.39 10.65
N LEU A 137 -17.54 25.34 10.94
CA LEU A 137 -17.28 25.72 12.33
C LEU A 137 -18.16 26.90 12.75
N ILE A 138 -19.46 26.61 12.73
CA ILE A 138 -20.51 27.55 13.13
C ILE A 138 -21.53 26.76 13.93
N HIS A 139 -22.24 27.45 14.83
CA HIS A 139 -23.15 26.79 15.76
C HIS A 139 -24.19 25.94 15.04
N ALA A 140 -24.77 26.48 13.96
CA ALA A 140 -25.90 25.79 13.33
C ALA A 140 -25.49 24.47 12.70
N ASP A 141 -24.23 24.33 12.28
CA ASP A 141 -23.84 23.08 11.66
C ASP A 141 -23.72 21.92 12.65
N TRP A 142 -23.61 22.21 13.94
CA TRP A 142 -23.47 21.16 14.95
C TRP A 142 -24.72 21.06 15.83
N HIS A 143 -25.78 21.78 15.48
CA HIS A 143 -26.97 21.90 16.35
C HIS A 143 -28.00 20.83 16.01
N GLN A 144 -28.61 20.92 14.82
CA GLN A 144 -29.69 19.99 14.47
C GLN A 144 -29.52 19.41 13.07
N LYS A 145 -28.29 19.20 12.62
CA LYS A 145 -28.03 18.65 11.30
C LYS A 145 -27.51 17.23 11.44
N THR A 146 -27.68 16.44 10.37
CA THR A 146 -26.98 15.16 10.30
C THR A 146 -25.61 15.42 9.67
N GLN A 147 -24.55 15.19 10.44
CA GLN A 147 -23.17 15.42 10.00
C GLN A 147 -22.36 14.18 10.34
N GLY A 148 -21.27 13.95 9.58
CA GLY A 148 -20.42 12.78 9.76
C GLY A 148 -19.02 13.14 10.22
N ILE A 149 -18.43 12.23 11.00
CA ILE A 149 -17.09 12.41 11.58
C ILE A 149 -16.33 11.10 11.47
N TRP A 150 -15.08 11.15 10.98
CA TRP A 150 -14.13 10.06 11.14
C TRP A 150 -13.05 10.49 12.12
N LEU A 151 -12.85 9.68 13.17
CA LEU A 151 -11.85 9.93 14.20
C LEU A 151 -10.68 8.98 14.00
N SER A 152 -9.49 9.53 13.75
CA SER A 152 -8.31 8.69 13.66
C SER A 152 -7.95 8.12 15.03
N PRO A 153 -7.17 7.05 15.06
CA PRO A 153 -6.53 6.62 16.30
C PRO A 153 -5.63 7.73 16.83
N LEU A 154 -5.29 7.61 18.11
CA LEU A 154 -4.19 8.40 18.67
C LEU A 154 -2.88 7.88 18.08
N TYR A 155 -2.24 8.69 17.26
CA TYR A 155 -0.99 8.30 16.62
C TYR A 155 0.18 8.62 17.53
N PRO A 156 1.00 7.65 17.94
CA PRO A 156 2.14 7.97 18.80
C PRO A 156 3.27 8.59 18.00
N ARG A 157 4.12 9.31 18.72
CA ARG A 157 5.31 9.89 18.11
C ARG A 157 6.36 8.82 17.89
N ILE A 158 7.02 8.87 16.74
CA ILE A 158 8.16 7.99 16.50
C ILE A 158 9.35 8.52 17.29
N ALA A 159 10.04 7.63 17.98
CA ALA A 159 11.13 8.01 18.86
C ALA A 159 12.23 8.75 18.10
N ASP A 160 12.76 9.80 18.71
CA ASP A 160 13.91 10.49 18.14
C ASP A 160 15.05 9.51 17.89
N GLY A 161 15.60 9.55 16.69
CA GLY A 161 16.65 8.63 16.29
C GLY A 161 16.17 7.35 15.63
N THR A 162 14.91 6.97 15.84
CA THR A 162 14.35 5.80 15.21
C THR A 162 13.96 6.11 13.77
N HIS A 163 14.31 5.22 12.85
CA HIS A 163 13.92 5.34 11.44
C HIS A 163 12.89 4.26 11.13
N LYS A 164 11.64 4.68 10.93
CA LYS A 164 10.59 3.80 10.46
C LYS A 164 9.63 4.63 9.63
N SER A 165 8.84 3.97 8.79
CA SER A 165 7.95 4.74 7.93
C SER A 165 6.77 5.32 8.71
N GLY A 166 6.26 4.61 9.71
CA GLY A 166 5.00 5.00 10.30
C GLY A 166 3.83 4.90 9.35
N GLU A 167 3.96 4.13 8.28
CA GLU A 167 2.94 4.07 7.25
C GLU A 167 1.96 2.93 7.49
N SER A 168 0.74 3.11 7.00
CA SER A 168 -0.33 2.15 7.10
C SER A 168 -0.46 1.32 5.83
N PRO A 169 -1.15 0.18 5.88
CA PRO A 169 -1.38 -0.57 4.63
C PRO A 169 -2.24 0.20 3.64
N THR A 170 -2.96 1.23 4.07
CA THR A 170 -3.75 2.05 3.17
C THR A 170 -2.98 3.26 2.64
N HIS A 171 -1.69 3.42 3.00
CA HIS A 171 -0.84 4.52 2.54
C HIS A 171 -1.32 5.87 3.05
N PHE A 172 -2.08 5.88 4.16
CA PHE A 172 -2.72 7.10 4.62
C PHE A 172 -1.71 8.20 4.96
N LYS A 173 -0.56 7.83 5.53
CA LYS A 173 0.38 8.87 5.98
C LYS A 173 0.95 9.62 4.78
N ALA A 174 1.48 8.89 3.80
CA ALA A 174 1.97 9.51 2.58
C ALA A 174 0.87 10.26 1.86
N ASP A 175 -0.35 9.70 1.85
CA ASP A 175 -1.43 10.34 1.11
C ASP A 175 -1.87 11.64 1.77
N LEU A 176 -1.91 11.68 3.11
CA LEU A 176 -2.25 12.91 3.81
C LEU A 176 -1.16 13.95 3.60
N ILE A 177 0.10 13.54 3.63
CA ILE A 177 1.16 14.51 3.35
C ILE A 177 1.03 15.04 1.94
N SER A 178 0.76 14.17 0.97
N SER A 178 0.73 14.17 0.97
CA SER A 178 0.55 14.59 -0.41
CA SER A 178 0.56 14.62 -0.42
C SER A 178 -0.56 15.62 -0.52
C SER A 178 -0.57 15.62 -0.54
N TYR A 179 -1.68 15.38 0.15
CA TYR A 179 -2.80 16.33 0.16
C TYR A 179 -2.34 17.68 0.69
N LEU A 180 -1.61 17.69 1.80
CA LEU A 180 -1.15 18.95 2.37
C LEU A 180 -0.10 19.62 1.49
N MET A 181 0.75 18.83 0.83
N MET A 181 0.75 18.82 0.83
CA MET A 181 1.76 19.43 -0.03
CA MET A 181 1.78 19.38 -0.05
C MET A 181 1.15 20.24 -1.16
C MET A 181 1.17 20.23 -1.16
N ALA A 182 -0.04 19.87 -1.60
CA ALA A 182 -0.66 20.56 -2.72
C ALA A 182 -0.95 22.03 -2.41
N TYR A 183 -1.12 22.38 -1.13
CA TYR A 183 -1.35 23.77 -0.76
C TYR A 183 -0.13 24.65 -1.00
N ASN A 184 1.09 24.08 -0.96
CA ASN A 184 2.31 24.86 -1.12
C ASN A 184 2.38 26.01 -0.11
N ALA A 185 2.02 25.72 1.14
CA ALA A 185 1.87 26.75 2.17
C ALA A 185 2.86 26.54 3.31
N PRO A 186 3.55 27.59 3.78
CA PRO A 186 4.55 27.36 4.85
C PRO A 186 3.93 26.89 6.15
N SER A 187 2.74 27.37 6.50
CA SER A 187 2.13 26.90 7.74
C SER A 187 1.79 25.42 7.68
N LEU A 188 1.48 24.89 6.48
CA LEU A 188 1.17 23.48 6.36
C LEU A 188 2.42 22.63 6.20
N LYS A 189 3.54 23.19 5.71
CA LYS A 189 4.77 22.42 5.79
C LYS A 189 5.12 22.10 7.24
N GLU A 190 4.78 23.01 8.17
CA GLU A 190 5.01 22.72 9.59
C GLU A 190 4.22 21.50 10.03
N TRP A 191 2.96 21.40 9.60
CA TRP A 191 2.13 20.26 9.96
C TRP A 191 2.57 18.99 9.25
N ILE A 192 3.06 19.12 8.02
CA ILE A 192 3.66 17.97 7.33
C ILE A 192 4.82 17.42 8.16
N ASP A 193 5.65 18.31 8.71
CA ASP A 193 6.78 17.83 9.52
C ASP A 193 6.29 17.15 10.80
N VAL A 194 5.21 17.67 11.41
CA VAL A 194 4.60 16.98 12.55
C VAL A 194 4.15 15.58 12.17
N ILE A 195 3.45 15.45 11.04
CA ILE A 195 2.94 14.14 10.62
C ILE A 195 4.10 13.17 10.37
N HIS A 196 5.19 13.65 9.75
CA HIS A 196 6.36 12.80 9.53
C HIS A 196 6.85 12.17 10.82
N LYS A 197 6.78 12.91 11.94
CA LYS A 197 7.29 12.43 13.21
C LYS A 197 6.34 11.49 13.94
N HIS A 198 5.19 11.15 13.37
CA HIS A 198 4.22 10.30 14.07
C HIS A 198 4.00 8.99 13.32
N ASP A 199 3.55 7.99 14.06
CA ASP A 199 3.31 6.65 13.54
C ASP A 199 1.82 6.52 13.22
N LEU A 200 1.48 6.47 11.93
CA LEU A 200 0.08 6.40 11.49
C LEU A 200 -0.28 5.00 10.98
N SER A 201 0.51 4.00 11.37
CA SER A 201 0.38 2.67 10.80
C SER A 201 -0.94 1.99 11.09
N GLU A 202 -1.65 2.39 12.15
CA GLU A 202 -2.90 1.72 12.48
C GLU A 202 -4.08 2.18 11.63
N THR A 203 -3.88 3.12 10.72
CA THR A 203 -4.99 3.69 9.97
C THR A 203 -5.55 2.67 8.99
N ASN A 204 -6.86 2.44 9.05
CA ASN A 204 -7.51 1.44 8.21
C ASN A 204 -8.45 2.04 7.16
N VAL A 205 -8.42 3.35 6.96
CA VAL A 205 -9.17 4.02 5.89
C VAL A 205 -8.23 4.55 4.82
N TYR A 206 -8.78 4.72 3.61
CA TYR A 206 -8.08 5.35 2.49
C TYR A 206 -8.49 6.81 2.38
N LEU A 207 -7.52 7.68 2.15
CA LEU A 207 -7.81 9.09 1.95
C LEU A 207 -8.24 9.35 0.51
N ILE A 208 -9.33 10.10 0.34
CA ILE A 208 -9.76 10.56 -0.98
C ILE A 208 -9.88 12.07 -0.94
N GLY A 209 -8.93 12.76 -1.58
CA GLY A 209 -8.95 14.20 -1.62
C GLY A 209 -9.18 14.75 -3.01
N SER A 210 -9.66 15.99 -3.07
CA SER A 210 -9.62 16.80 -4.26
C SER A 210 -8.78 18.02 -3.95
N THR A 211 -8.03 18.49 -4.95
N THR A 211 -7.95 18.43 -4.91
CA THR A 211 -7.28 19.73 -4.85
CA THR A 211 -7.27 19.71 -4.85
C THR A 211 -7.31 20.38 -6.22
C THR A 211 -7.39 20.39 -6.21
N PRO A 212 -7.31 21.71 -6.28
CA PRO A 212 -7.50 22.38 -7.57
C PRO A 212 -6.35 22.11 -8.53
N GLY A 213 -6.71 21.85 -9.78
CA GLY A 213 -5.69 21.76 -10.81
C GLY A 213 -6.16 20.99 -12.02
N ARG A 214 -5.22 20.73 -12.92
N ARG A 214 -5.23 20.78 -12.94
CA ARG A 214 -5.46 20.00 -14.16
CA ARG A 214 -5.46 20.00 -14.15
C ARG A 214 -4.47 18.86 -14.23
C ARG A 214 -4.45 18.87 -14.14
N PHE A 215 -4.95 17.63 -14.00
CA PHE A 215 -4.09 16.48 -13.73
C PHE A 215 -4.07 15.52 -14.92
N GLN A 216 -2.87 15.23 -15.42
CA GLN A 216 -2.68 14.26 -16.49
C GLN A 216 -1.64 13.22 -16.07
N GLY A 217 -1.56 12.15 -16.87
CA GLY A 217 -0.46 11.20 -16.72
C GLY A 217 -0.39 10.57 -15.34
N SER A 218 0.80 10.67 -14.73
CA SER A 218 1.04 10.03 -13.43
C SER A 218 0.27 10.68 -12.29
N GLN A 219 -0.43 11.79 -12.54
CA GLN A 219 -1.19 12.48 -11.51
C GLN A 219 -2.69 12.33 -11.68
N LYS A 220 -3.14 11.74 -12.79
CA LYS A 220 -4.56 11.62 -13.08
C LYS A 220 -5.32 10.89 -11.97
N ASP A 221 -4.69 9.91 -11.34
CA ASP A 221 -5.34 9.06 -10.35
C ASP A 221 -5.18 9.56 -8.93
N ASN A 222 -4.59 10.74 -8.74
CA ASN A 222 -4.31 11.23 -7.39
C ASN A 222 -5.56 11.76 -6.70
N TRP A 223 -6.54 12.27 -7.44
CA TRP A 223 -7.56 13.12 -6.85
C TRP A 223 -8.95 12.81 -7.39
N GLY A 224 -9.97 13.24 -6.64
CA GLY A 224 -11.32 13.23 -7.18
C GLY A 224 -11.84 11.84 -7.53
N HIS A 225 -12.71 11.80 -8.55
CA HIS A 225 -13.34 10.52 -8.84
C HIS A 225 -12.39 9.53 -9.47
N PHE A 226 -11.27 9.99 -10.04
CA PHE A 226 -10.28 9.04 -10.55
C PHE A 226 -9.50 8.40 -9.41
N ARG A 227 -9.31 9.14 -8.31
CA ARG A 227 -8.74 8.55 -7.11
C ARG A 227 -9.64 7.45 -6.57
N LEU A 228 -10.94 7.71 -6.48
CA LEU A 228 -11.87 6.67 -6.06
C LEU A 228 -11.79 5.46 -6.98
N LYS A 229 -11.85 5.70 -8.30
N LYS A 229 -11.84 5.69 -8.30
CA LYS A 229 -11.78 4.61 -9.28
CA LYS A 229 -11.79 4.59 -9.25
C LYS A 229 -10.53 3.77 -9.07
C LYS A 229 -10.51 3.76 -9.08
N LYS A 230 -9.38 4.43 -8.88
CA LYS A 230 -8.12 3.70 -8.71
C LYS A 230 -8.14 2.80 -7.48
N LEU A 231 -8.65 3.32 -6.36
CA LEU A 231 -8.70 2.53 -5.13
C LEU A 231 -9.65 1.35 -5.28
N LEU A 232 -10.79 1.58 -5.94
CA LEU A 232 -11.75 0.50 -6.16
C LEU A 232 -11.19 -0.56 -7.10
N LYS A 233 -10.45 -0.13 -8.12
CA LYS A 233 -9.77 -1.09 -9.00
C LYS A 233 -8.74 -1.92 -8.23
N ASP A 234 -7.97 -1.29 -7.35
CA ASP A 234 -6.83 -1.96 -6.73
C ASP A 234 -7.18 -2.73 -5.47
N HIS A 235 -8.24 -2.36 -4.75
CA HIS A 235 -8.44 -2.85 -3.40
C HIS A 235 -9.87 -3.34 -3.16
N ALA A 236 -10.68 -3.46 -4.20
CA ALA A 236 -11.98 -4.10 -4.13
C ALA A 236 -12.02 -5.21 -5.18
N SER A 237 -12.94 -6.16 -5.00
CA SER A 237 -13.13 -7.25 -5.94
C SER A 237 -14.54 -7.18 -6.53
N SER A 238 -14.65 -7.53 -7.81
CA SER A 238 -15.94 -7.55 -8.47
C SER A 238 -16.59 -8.91 -8.28
N MET A 239 -17.84 -8.90 -7.91
CA MET A 239 -18.61 -10.10 -7.61
C MET A 239 -19.53 -10.43 -8.77
N PRO A 240 -20.05 -11.66 -8.83
CA PRO A 240 -21.09 -11.96 -9.82
C PRO A 240 -22.30 -11.05 -9.61
N ASN A 241 -22.97 -10.74 -10.71
CA ASN A 241 -24.15 -9.87 -10.70
C ASN A 241 -23.82 -8.50 -10.12
N ALA A 242 -22.56 -8.07 -10.23
CA ALA A 242 -22.17 -6.74 -9.77
C ALA A 242 -23.03 -5.66 -10.41
N GLU A 243 -23.53 -5.90 -11.63
CA GLU A 243 -24.35 -4.90 -12.30
C GLU A 243 -25.68 -4.67 -11.58
N SER A 244 -26.05 -5.57 -10.66
CA SER A 244 -27.25 -5.37 -9.85
C SER A 244 -26.97 -4.70 -8.51
N TRP A 245 -25.70 -4.46 -8.17
CA TRP A 245 -25.40 -3.70 -6.95
C TRP A 245 -25.53 -2.21 -7.23
N PRO A 246 -26.48 -1.52 -6.61
CA PRO A 246 -26.66 -0.09 -6.88
C PRO A 246 -25.48 0.77 -6.43
N VAL A 247 -25.49 2.00 -6.92
CA VAL A 247 -24.67 3.09 -6.38
C VAL A 247 -25.61 4.06 -5.67
N VAL A 248 -25.20 4.51 -4.48
CA VAL A 248 -25.96 5.51 -3.71
C VAL A 248 -25.07 6.73 -3.51
N GLY A 249 -25.58 7.90 -3.88
CA GLY A 249 -24.91 9.17 -3.55
C GLY A 249 -25.87 10.02 -2.74
N GLN A 250 -25.33 10.66 -1.71
CA GLN A 250 -26.13 11.39 -0.72
C GLN A 250 -25.40 12.68 -0.39
N PHE A 251 -26.05 13.83 -0.58
CA PHE A 251 -25.32 15.10 -0.62
C PHE A 251 -26.25 16.24 -0.21
N SER A 252 -25.67 17.42 0.01
CA SER A 252 -26.44 18.59 0.42
C SER A 252 -26.43 19.73 -0.60
N SER A 253 -25.73 19.56 -1.72
N SER A 253 -25.69 19.59 -1.71
CA SER A 253 -25.74 20.55 -2.78
CA SER A 253 -25.64 20.57 -2.78
C SER A 253 -25.51 19.83 -4.10
C SER A 253 -25.50 19.82 -4.10
N VAL A 254 -25.98 20.45 -5.18
CA VAL A 254 -25.90 19.90 -6.53
C VAL A 254 -25.32 20.96 -7.44
N GLY A 255 -24.31 20.60 -8.23
CA GLY A 255 -23.77 21.50 -9.22
C GLY A 255 -24.51 21.39 -10.53
N SER A 256 -24.05 22.18 -11.51
N SER A 256 -24.06 22.20 -11.50
CA SER A 256 -24.56 22.11 -12.88
CA SER A 256 -24.55 22.11 -12.87
C SER A 256 -23.93 20.91 -13.56
C SER A 256 -23.92 20.89 -13.53
N LEU A 257 -24.73 19.86 -13.81
CA LEU A 257 -24.20 18.61 -14.34
C LEU A 257 -24.33 18.47 -15.84
N GLY A 258 -24.99 19.38 -16.52
CA GLY A 258 -25.14 19.28 -17.96
C GLY A 258 -26.57 19.03 -18.38
N ALA A 259 -26.78 19.10 -19.70
CA ALA A 259 -28.12 19.04 -20.26
C ALA A 259 -28.76 17.66 -20.16
N ASP A 260 -27.96 16.61 -19.97
CA ASP A 260 -28.50 15.26 -19.83
C ASP A 260 -27.50 14.41 -19.06
N GLU A 261 -27.95 13.21 -18.68
CA GLU A 261 -27.14 12.37 -17.80
C GLU A 261 -25.87 11.88 -18.46
N SER A 262 -25.80 11.87 -19.79
CA SER A 262 -24.59 11.38 -20.45
C SER A 262 -23.44 12.39 -20.42
N LYS A 263 -23.69 13.65 -20.02
CA LYS A 263 -22.65 14.66 -20.09
C LYS A 263 -21.59 14.44 -19.01
N TRP A 264 -22.00 13.97 -17.83
CA TRP A 264 -21.05 13.78 -16.74
C TRP A 264 -21.54 12.72 -15.75
N LEU A 265 -22.80 12.82 -15.34
CA LEU A 265 -23.28 12.02 -14.20
C LEU A 265 -23.17 10.53 -14.48
N CYS A 266 -23.73 10.08 -15.59
CA CYS A 266 -23.76 8.66 -15.91
C CYS A 266 -22.63 8.24 -16.84
N SER A 267 -21.85 9.18 -17.33
N SER A 267 -21.73 9.16 -17.20
CA SER A 267 -20.65 8.80 -18.05
CA SER A 267 -20.67 8.90 -18.16
C SER A 267 -19.56 8.65 -17.02
C SER A 267 -19.29 8.69 -17.50
N GLU A 268 -18.76 9.69 -16.82
CA GLU A 268 -17.53 9.52 -16.06
C GLU A 268 -17.77 9.35 -14.57
N PHE A 269 -18.72 10.06 -13.96
CA PHE A 269 -18.90 9.95 -12.51
C PHE A 269 -19.40 8.57 -12.11
N LYS A 270 -20.52 8.12 -12.71
CA LYS A 270 -21.01 6.79 -12.37
C LYS A 270 -20.02 5.70 -12.77
N GLU A 271 -19.29 5.90 -13.88
CA GLU A 271 -18.33 4.89 -14.30
C GLU A 271 -17.22 4.70 -13.27
N SER A 272 -16.74 5.79 -12.66
CA SER A 272 -15.81 5.63 -11.54
C SER A 272 -16.45 4.92 -10.36
N MET A 273 -17.68 5.33 -9.99
CA MET A 273 -18.33 4.78 -8.81
C MET A 273 -18.68 3.30 -8.95
N LEU A 274 -18.88 2.81 -10.17
CA LEU A 274 -19.21 1.39 -10.28
C LEU A 274 -18.00 0.49 -10.46
N THR A 275 -16.79 1.05 -10.43
CA THR A 275 -15.59 0.24 -10.57
C THR A 275 -15.43 -0.74 -9.40
N LEU A 276 -15.10 -1.99 -9.74
CA LEU A 276 -14.71 -2.99 -8.75
C LEU A 276 -13.67 -3.90 -9.38
N GLY A 277 -12.48 -3.95 -8.78
CA GLY A 277 -11.46 -4.85 -9.28
C GLY A 277 -10.80 -4.39 -10.56
N LYS A 278 -9.96 -5.28 -11.09
CA LYS A 278 -9.02 -4.87 -12.15
C LYS A 278 -9.41 -5.35 -13.54
N GLU A 279 -10.57 -5.98 -13.71
CA GLU A 279 -10.98 -6.39 -15.05
C GLU A 279 -11.85 -5.34 -15.71
N SER A 280 -11.92 -5.41 -17.03
CA SER A 280 -12.74 -4.48 -17.81
C SER A 280 -13.90 -5.20 -18.50
N SER A 286 -24.26 0.81 -18.96
CA SER A 286 -24.44 0.09 -17.70
C SER A 286 -25.83 0.27 -17.12
N SER A 287 -26.39 -0.82 -16.60
CA SER A 287 -27.72 -0.82 -16.00
C SER A 287 -27.68 -0.79 -14.47
N VAL A 288 -26.55 -0.41 -13.90
CA VAL A 288 -26.43 -0.31 -12.44
C VAL A 288 -27.39 0.78 -11.95
N PRO A 289 -28.31 0.46 -11.03
CA PRO A 289 -29.20 1.50 -10.49
C PRO A 289 -28.43 2.58 -9.74
N LEU A 290 -28.86 3.82 -9.94
CA LEU A 290 -28.22 4.96 -9.26
C LEU A 290 -29.28 5.67 -8.42
N TYR A 291 -29.06 5.71 -7.10
CA TYR A 291 -29.94 6.38 -6.15
C TYR A 291 -29.23 7.64 -5.68
N LEU A 292 -29.89 8.79 -5.84
CA LEU A 292 -29.38 10.05 -5.31
C LEU A 292 -30.31 10.50 -4.19
N ILE A 293 -29.75 10.80 -3.02
CA ILE A 293 -30.54 11.17 -1.83
C ILE A 293 -30.33 12.65 -1.57
N TYR A 294 -31.41 13.43 -1.59
CA TYR A 294 -31.33 14.86 -1.44
C TYR A 294 -32.66 15.34 -0.86
N PRO A 295 -32.65 16.20 0.16
CA PRO A 295 -33.91 16.58 0.83
C PRO A 295 -34.94 17.21 -0.09
N SER A 296 -36.18 16.72 0.01
CA SER A 296 -37.32 17.36 -0.62
C SER A 296 -37.71 18.62 0.13
N VAL A 297 -38.57 19.44 -0.50
CA VAL A 297 -39.12 20.60 0.19
C VAL A 297 -39.83 20.17 1.47
N GLU A 298 -40.59 19.06 1.40
N GLU A 298 -40.59 19.06 1.41
CA GLU A 298 -41.30 18.61 2.58
CA GLU A 298 -41.30 18.60 2.59
C GLU A 298 -40.34 18.14 3.67
C GLU A 298 -40.34 18.14 3.68
N ASN A 299 -39.23 17.49 3.29
CA ASN A 299 -38.22 17.12 4.29
C ASN A 299 -37.73 18.35 5.05
N VAL A 300 -37.49 19.45 4.34
CA VAL A 300 -36.98 20.66 4.96
C VAL A 300 -38.05 21.32 5.81
N ARG A 301 -39.27 21.45 5.26
CA ARG A 301 -40.36 22.11 5.98
C ARG A 301 -40.61 21.48 7.34
N THR A 302 -40.61 20.15 7.40
CA THR A 302 -40.96 19.45 8.63
C THR A 302 -39.74 19.14 9.50
N SER A 303 -38.58 19.68 9.15
CA SER A 303 -37.34 19.41 9.86
C SER A 303 -37.31 20.15 11.21
N LEU A 304 -36.35 19.76 12.06
CA LEU A 304 -36.16 20.41 13.36
C LEU A 304 -35.94 21.91 13.20
N GLU A 305 -35.15 22.32 12.21
CA GLU A 305 -34.88 23.71 11.96
C GLU A 305 -35.98 24.42 11.18
N GLY A 306 -36.78 23.68 10.42
CA GLY A 306 -37.74 24.28 9.53
C GLY A 306 -37.08 24.73 8.23
N TYR A 307 -37.72 25.67 7.54
CA TYR A 307 -37.18 26.18 6.29
C TYR A 307 -35.76 26.70 6.41
N PRO A 308 -35.34 27.31 7.54
CA PRO A 308 -33.94 27.75 7.64
C PRO A 308 -32.91 26.65 7.44
N ALA A 309 -33.27 25.38 7.61
CA ALA A 309 -32.33 24.31 7.24
C ALA A 309 -31.94 24.41 5.78
N GLY A 310 -32.84 24.92 4.93
CA GLY A 310 -32.55 25.07 3.53
C GLY A 310 -31.51 26.11 3.20
N GLY A 311 -31.16 26.97 4.17
CA GLY A 311 -30.02 27.86 3.98
C GLY A 311 -28.71 27.13 3.78
N SER A 312 -28.62 25.87 4.22
CA SER A 312 -27.45 25.02 4.03
C SER A 312 -27.66 23.92 2.99
N LEU A 313 -28.66 24.11 2.12
CA LEU A 313 -28.94 23.21 1.01
C LEU A 313 -29.00 24.08 -0.23
N PRO A 314 -27.85 24.58 -0.73
CA PRO A 314 -27.86 25.73 -1.64
C PRO A 314 -28.01 25.37 -3.12
N TYR A 315 -29.10 24.69 -3.45
CA TYR A 315 -29.46 24.37 -4.82
C TYR A 315 -30.28 25.52 -5.39
N SER A 316 -29.75 26.20 -6.41
CA SER A 316 -30.41 27.36 -6.97
C SER A 316 -31.38 26.98 -8.07
N ILE A 317 -32.43 27.80 -8.24
CA ILE A 317 -33.37 27.54 -9.32
C ILE A 317 -32.70 27.71 -10.67
N GLN A 318 -31.69 28.60 -10.76
CA GLN A 318 -30.99 28.79 -12.02
C GLN A 318 -30.28 27.53 -12.46
N THR A 319 -29.64 26.84 -11.52
CA THR A 319 -29.01 25.55 -11.83
C THR A 319 -30.07 24.48 -12.09
N ALA A 320 -31.08 24.41 -11.21
CA ALA A 320 -32.03 23.30 -11.25
C ALA A 320 -32.83 23.28 -12.53
N GLU A 321 -33.27 24.46 -13.01
CA GLU A 321 -34.13 24.51 -14.19
C GLU A 321 -33.43 24.06 -15.46
N LYS A 322 -32.10 23.97 -15.44
CA LYS A 322 -31.33 23.50 -16.58
C LYS A 322 -31.16 21.98 -16.61
N GLN A 323 -31.58 21.28 -15.57
CA GLN A 323 -31.30 19.84 -15.47
C GLN A 323 -32.46 19.12 -14.78
N ASN A 324 -33.69 19.38 -15.23
CA ASN A 324 -34.81 18.68 -14.61
C ASN A 324 -34.74 17.18 -14.80
N TRP A 325 -34.00 16.69 -15.81
CA TRP A 325 -33.77 15.25 -15.93
C TRP A 325 -33.20 14.65 -14.65
N LEU A 326 -32.42 15.43 -13.90
CA LEU A 326 -31.72 14.90 -12.74
C LEU A 326 -32.68 14.50 -11.64
N HIS A 327 -33.81 15.20 -11.52
CA HIS A 327 -34.63 15.03 -10.33
C HIS A 327 -35.35 13.68 -10.31
N SER A 328 -35.46 12.99 -11.44
N SER A 328 -35.46 13.01 -11.45
CA SER A 328 -36.00 11.65 -11.45
CA SER A 328 -35.99 11.65 -11.47
C SER A 328 -35.10 10.64 -10.74
C SER A 328 -35.11 10.65 -10.73
N TYR A 329 -33.86 11.02 -10.40
CA TYR A 329 -32.98 10.17 -9.62
C TYR A 329 -33.12 10.41 -8.12
N PHE A 330 -33.91 11.40 -7.70
CA PHE A 330 -33.85 11.89 -6.32
C PHE A 330 -34.75 11.08 -5.40
N HIS A 331 -34.21 10.79 -4.21
CA HIS A 331 -34.87 10.04 -3.16
C HIS A 331 -34.87 10.89 -1.89
N LYS A 332 -35.92 10.72 -1.09
CA LYS A 332 -36.12 11.51 0.11
C LYS A 332 -35.04 11.23 1.15
N TRP A 333 -34.84 12.19 2.04
CA TRP A 333 -34.02 11.95 3.22
C TRP A 333 -34.84 11.23 4.27
N SER A 334 -34.34 10.08 4.74
CA SER A 334 -35.02 9.34 5.79
C SER A 334 -33.94 8.67 6.62
N ALA A 335 -34.01 8.81 7.93
CA ALA A 335 -32.96 8.31 8.81
C ALA A 335 -33.53 7.81 10.14
N GLU A 336 -34.62 7.05 10.07
CA GLU A 336 -35.16 6.42 11.27
C GLU A 336 -34.09 5.59 12.00
N THR A 337 -33.18 4.97 11.24
CA THR A 337 -32.15 4.13 11.87
C THR A 337 -31.32 4.88 12.89
N SER A 338 -31.11 6.20 12.68
CA SER A 338 -30.34 7.03 13.60
C SER A 338 -31.18 8.12 14.25
N GLY A 339 -32.51 8.00 14.19
CA GLY A 339 -33.38 9.00 14.78
C GLY A 339 -33.26 10.38 14.17
N ARG A 340 -32.82 10.47 12.91
CA ARG A 340 -32.41 11.74 12.33
C ARG A 340 -33.18 12.10 11.06
N SER A 341 -34.40 11.56 10.87
CA SER A 341 -35.19 11.94 9.71
C SER A 341 -35.48 13.43 9.68
N ASN A 342 -35.55 14.10 10.83
CA ASN A 342 -35.84 15.53 10.87
C ASN A 342 -34.61 16.39 11.10
N ALA A 343 -33.42 15.80 11.05
CA ALA A 343 -32.15 16.50 11.17
C ALA A 343 -31.54 16.54 9.77
N MET A 344 -31.68 17.69 9.10
CA MET A 344 -31.37 17.74 7.68
C MET A 344 -29.90 17.41 7.44
N PRO A 345 -29.59 16.71 6.35
CA PRO A 345 -28.22 16.26 6.12
C PRO A 345 -27.32 17.37 5.62
N HIS A 346 -26.15 17.49 6.26
CA HIS A 346 -25.00 18.19 5.70
C HIS A 346 -23.82 17.25 5.54
N ILE A 347 -23.94 16.02 6.04
CA ILE A 347 -23.04 14.94 5.66
C ILE A 347 -23.16 14.67 4.16
N LYS A 348 -22.07 14.19 3.56
CA LYS A 348 -22.13 13.64 2.21
C LYS A 348 -21.56 12.24 2.27
N THR A 349 -22.22 11.30 1.62
CA THR A 349 -21.79 9.90 1.62
C THR A 349 -22.06 9.26 0.27
N TYR A 350 -21.24 8.27 -0.05
CA TYR A 350 -21.37 7.49 -1.29
C TYR A 350 -21.09 6.04 -0.93
N MET A 351 -21.86 5.11 -1.48
CA MET A 351 -21.63 3.71 -1.11
C MET A 351 -22.21 2.78 -2.17
N ARG A 352 -21.87 1.50 -2.05
CA ARG A 352 -22.20 0.47 -3.04
C ARG A 352 -22.92 -0.69 -2.38
N PRO A 353 -24.22 -0.58 -2.14
N PRO A 353 -24.22 -0.57 -2.14
CA PRO A 353 -24.96 -1.66 -1.49
CA PRO A 353 -24.96 -1.66 -1.48
C PRO A 353 -25.25 -2.83 -2.43
C PRO A 353 -25.22 -2.83 -2.43
N SER A 354 -25.53 -3.97 -1.81
CA SER A 354 -25.96 -5.15 -2.52
C SER A 354 -27.42 -4.96 -2.99
N PRO A 355 -27.90 -5.81 -3.90
CA PRO A 355 -29.25 -5.58 -4.47
C PRO A 355 -30.35 -5.54 -3.44
N ASP A 356 -30.21 -6.25 -2.33
CA ASP A 356 -31.19 -6.15 -1.25
C ASP A 356 -30.76 -5.24 -0.12
N PHE A 357 -29.70 -4.44 -0.32
CA PHE A 357 -29.25 -3.43 0.64
C PHE A 357 -28.83 -4.02 1.99
N SER A 358 -28.52 -5.32 2.05
CA SER A 358 -28.12 -5.94 3.31
C SER A 358 -26.62 -5.87 3.54
N LYS A 359 -25.85 -5.65 2.49
CA LYS A 359 -24.39 -5.54 2.53
C LYS A 359 -23.98 -4.33 1.73
N ILE A 360 -22.75 -3.88 1.94
CA ILE A 360 -22.15 -2.84 1.11
C ILE A 360 -20.74 -3.24 0.75
N ALA A 361 -20.33 -2.87 -0.47
CA ALA A 361 -18.99 -3.15 -0.96
C ALA A 361 -17.97 -2.10 -0.53
N TRP A 362 -18.43 -0.91 -0.15
CA TRP A 362 -17.57 0.17 0.34
C TRP A 362 -18.48 1.31 0.77
N PHE A 363 -17.90 2.23 1.55
CA PHE A 363 -18.60 3.41 2.07
C PHE A 363 -17.62 4.56 2.10
N LEU A 364 -18.06 5.74 1.67
CA LEU A 364 -17.23 6.94 1.67
C LEU A 364 -17.98 8.06 2.39
N VAL A 365 -17.32 8.71 3.35
CA VAL A 365 -17.84 9.96 3.93
C VAL A 365 -16.90 11.07 3.50
N THR A 366 -17.45 12.20 3.05
N THR A 366 -17.47 12.22 3.15
CA THR A 366 -16.63 13.22 2.42
CA THR A 366 -16.75 13.24 2.39
C THR A 366 -17.31 14.58 2.51
C THR A 366 -17.27 14.62 2.70
N SER A 367 -16.52 15.62 2.23
CA SER A 367 -17.05 16.94 2.05
C SER A 367 -17.64 17.13 0.65
N ALA A 368 -17.38 16.22 -0.29
CA ALA A 368 -17.69 16.46 -1.70
C ALA A 368 -19.18 16.29 -1.97
N ASN A 369 -19.81 17.35 -2.45
CA ASN A 369 -21.18 17.31 -2.94
C ASN A 369 -21.19 16.76 -4.37
N LEU A 370 -22.38 16.69 -4.97
CA LEU A 370 -22.55 16.14 -6.32
C LEU A 370 -22.29 17.25 -7.31
N SER A 371 -21.00 17.47 -7.60
CA SER A 371 -20.60 18.53 -8.52
C SER A 371 -19.30 18.18 -9.22
N LYS A 372 -19.17 18.70 -10.44
CA LYS A 372 -17.91 18.60 -11.17
C LYS A 372 -16.78 19.35 -10.47
N ALA A 373 -17.09 20.48 -9.81
CA ALA A 373 -16.07 21.23 -9.10
C ALA A 373 -15.38 20.38 -8.04
N ALA A 374 -16.18 19.58 -7.34
CA ALA A 374 -15.70 18.75 -6.22
C ALA A 374 -15.05 17.47 -6.70
N TRP A 375 -15.63 16.82 -7.71
CA TRP A 375 -15.19 15.49 -8.08
C TRP A 375 -14.26 15.47 -9.27
N GLY A 376 -14.26 16.51 -10.07
CA GLY A 376 -13.45 16.55 -11.27
C GLY A 376 -14.25 16.28 -12.53
N ALA A 377 -13.82 16.91 -13.61
CA ALA A 377 -14.41 16.70 -14.93
C ALA A 377 -13.29 16.48 -15.93
N LEU A 378 -13.46 15.49 -16.79
CA LEU A 378 -12.44 15.20 -17.80
C LEU A 378 -12.38 16.30 -18.86
N GLU A 379 -11.16 16.62 -19.30
CA GLU A 379 -10.88 17.62 -20.33
C GLU A 379 -9.81 17.07 -21.26
N LYS A 380 -9.57 17.79 -22.35
CA LYS A 380 -8.47 17.47 -23.27
C LYS A 380 -8.61 16.05 -23.80
N ASN A 381 -9.79 15.75 -24.32
CA ASN A 381 -10.03 14.47 -25.00
C ASN A 381 -9.83 13.30 -24.04
N GLY A 382 -10.27 13.49 -22.79
CA GLY A 382 -10.19 12.46 -21.78
C GLY A 382 -8.85 12.30 -21.11
N THR A 383 -7.86 13.14 -21.40
CA THR A 383 -6.52 12.96 -20.86
C THR A 383 -6.24 13.75 -19.60
N GLN A 384 -7.15 14.64 -19.19
CA GLN A 384 -6.87 15.56 -18.10
C GLN A 384 -8.09 15.62 -17.20
N LEU A 385 -7.88 15.51 -15.89
CA LEU A 385 -8.95 15.69 -14.92
C LEU A 385 -8.80 17.07 -14.30
N MET A 386 -9.81 17.92 -14.47
CA MET A 386 -9.78 19.26 -13.92
C MET A 386 -10.67 19.34 -12.69
N ILE A 387 -10.09 19.79 -11.57
CA ILE A 387 -10.79 19.92 -10.29
C ILE A 387 -10.70 21.38 -9.87
N ARG A 388 -11.82 21.93 -9.40
CA ARG A 388 -11.80 23.34 -8.99
C ARG A 388 -11.57 23.57 -7.50
N SER A 389 -11.90 22.60 -6.64
N SER A 389 -11.89 22.59 -6.66
CA SER A 389 -12.06 22.84 -5.22
CA SER A 389 -12.02 22.81 -5.23
C SER A 389 -11.31 21.81 -4.37
C SER A 389 -11.10 21.89 -4.42
N TYR A 390 -10.97 22.23 -3.14
CA TYR A 390 -10.42 21.33 -2.14
C TYR A 390 -11.56 20.57 -1.47
N GLU A 391 -11.45 19.24 -1.43
CA GLU A 391 -12.39 18.35 -0.76
C GLU A 391 -11.61 17.25 -0.08
N LEU A 392 -12.21 16.62 0.93
CA LEU A 392 -11.54 15.52 1.63
C LEU A 392 -12.55 14.55 2.21
N GLY A 393 -12.25 13.25 2.10
CA GLY A 393 -13.09 12.23 2.69
C GLY A 393 -12.27 10.98 2.96
N VAL A 394 -12.89 10.00 3.62
CA VAL A 394 -12.21 8.73 3.89
C VAL A 394 -13.07 7.59 3.40
N LEU A 395 -12.41 6.58 2.82
CA LEU A 395 -13.05 5.44 2.19
C LEU A 395 -12.85 4.20 3.04
N PHE A 396 -13.97 3.54 3.37
CA PHE A 396 -13.98 2.26 4.09
C PHE A 396 -14.14 1.13 3.08
N LEU A 397 -13.08 0.30 2.96
CA LEU A 397 -13.08 -0.85 2.07
C LEU A 397 -13.02 -2.13 2.88
N PRO A 398 -13.85 -3.14 2.57
CA PRO A 398 -13.83 -4.39 3.34
C PRO A 398 -12.45 -5.03 3.41
N SER A 399 -11.69 -4.98 2.32
CA SER A 399 -10.36 -5.59 2.33
C SER A 399 -9.46 -4.98 3.40
N ALA A 400 -9.67 -3.70 3.71
CA ALA A 400 -8.84 -3.09 4.74
C ALA A 400 -9.20 -3.56 6.13
N PHE A 401 -10.28 -4.35 6.28
CA PHE A 401 -10.68 -4.87 7.57
C PHE A 401 -10.67 -6.39 7.58
N GLY A 402 -10.08 -7.01 6.57
CA GLY A 402 -10.06 -8.45 6.47
C GLY A 402 -11.37 -9.06 6.06
N LEU A 403 -12.20 -8.32 5.32
CA LEU A 403 -13.56 -8.73 5.01
C LEU A 403 -13.79 -8.69 3.50
N ASP A 404 -14.82 -9.42 3.05
CA ASP A 404 -15.22 -9.37 1.65
C ASP A 404 -16.30 -8.33 1.40
N SER A 405 -17.13 -8.07 2.39
CA SER A 405 -18.15 -7.03 2.33
C SER A 405 -18.45 -6.62 3.76
N PHE A 406 -19.17 -5.52 3.91
CA PHE A 406 -19.68 -5.07 5.21
C PHE A 406 -21.16 -5.41 5.30
N LYS A 407 -21.56 -6.07 6.39
N LYS A 407 -21.57 -6.03 6.40
CA LYS A 407 -22.97 -6.10 6.72
CA LYS A 407 -22.99 -6.14 6.71
C LYS A 407 -23.42 -4.69 7.08
C LYS A 407 -23.49 -4.78 7.24
N VAL A 408 -24.68 -4.38 6.81
CA VAL A 408 -25.25 -3.10 7.20
C VAL A 408 -25.82 -3.23 8.61
N LYS A 409 -25.43 -2.31 9.49
N LYS A 409 -25.43 -2.31 9.49
CA LYS A 409 -26.00 -2.25 10.82
CA LYS A 409 -26.00 -2.26 10.83
C LYS A 409 -27.48 -1.89 10.74
C LYS A 409 -27.47 -1.88 10.76
N GLN A 410 -28.32 -2.65 11.45
CA GLN A 410 -29.75 -2.46 11.32
C GLN A 410 -30.22 -1.19 12.04
N LYS A 411 -29.71 -0.95 13.24
CA LYS A 411 -29.97 0.28 13.96
C LYS A 411 -28.63 0.95 14.27
N PHE A 412 -28.50 2.22 13.86
CA PHE A 412 -27.19 2.87 13.80
C PHE A 412 -26.49 2.87 15.15
N PHE A 413 -27.25 3.04 16.24
CA PHE A 413 -26.68 3.09 17.58
C PHE A 413 -26.88 1.80 18.37
N ALA A 414 -27.37 0.74 17.73
CA ALA A 414 -27.68 -0.50 18.45
C ALA A 414 -26.41 -1.33 18.65
N GLY A 415 -26.58 -2.55 19.18
CA GLY A 415 -25.47 -3.45 19.41
C GLY A 415 -25.53 -4.69 18.55
N SER A 416 -24.91 -4.63 17.37
CA SER A 416 -24.97 -5.72 16.42
C SER A 416 -24.19 -6.94 16.93
N GLN A 417 -24.40 -8.07 16.25
CA GLN A 417 -23.81 -9.34 16.68
C GLN A 417 -22.29 -9.34 16.59
N GLU A 418 -21.70 -8.49 15.75
CA GLU A 418 -20.26 -8.30 15.73
C GLU A 418 -19.93 -6.94 15.13
N PRO A 419 -19.51 -5.98 15.96
CA PRO A 419 -19.25 -4.62 15.44
C PRO A 419 -18.18 -4.58 14.36
N MET A 420 -17.21 -5.49 14.39
CA MET A 420 -16.11 -5.44 13.43
C MET A 420 -16.51 -5.84 12.02
N ALA A 421 -17.72 -6.37 11.83
CA ALA A 421 -18.17 -6.75 10.50
C ALA A 421 -19.33 -5.89 10.02
N THR A 422 -19.81 -4.95 10.82
CA THR A 422 -21.15 -4.39 10.68
C THR A 422 -21.09 -2.86 10.57
N PHE A 423 -21.39 -2.33 9.39
CA PHE A 423 -21.06 -0.92 9.21
C PHE A 423 -22.26 -0.02 9.51
N PRO A 424 -22.04 1.08 10.24
CA PRO A 424 -23.16 1.94 10.64
C PRO A 424 -23.56 2.92 9.55
N VAL A 425 -24.47 2.52 8.70
CA VAL A 425 -25.03 3.41 7.69
C VAL A 425 -26.04 4.34 8.38
N PRO A 426 -25.90 5.66 8.24
CA PRO A 426 -26.66 6.59 9.08
C PRO A 426 -28.06 6.92 8.59
N TYR A 427 -28.48 6.44 7.42
CA TYR A 427 -29.82 6.69 6.92
C TYR A 427 -30.44 5.37 6.43
N ASP A 428 -31.73 5.42 6.13
CA ASP A 428 -32.53 4.23 5.89
C ASP A 428 -32.31 3.67 4.49
N LEU A 429 -32.30 2.33 4.40
CA LEU A 429 -32.29 1.61 3.15
C LEU A 429 -33.51 0.72 3.05
N PRO A 430 -34.08 0.54 1.84
CA PRO A 430 -33.71 1.21 0.59
C PRO A 430 -34.17 2.67 0.61
N PRO A 431 -33.48 3.55 -0.12
CA PRO A 431 -33.95 4.93 -0.21
C PRO A 431 -35.30 4.99 -0.90
N GLU A 432 -36.11 5.96 -0.51
CA GLU A 432 -37.47 6.10 -1.01
C GLU A 432 -37.53 7.18 -2.09
N LEU A 433 -38.04 6.82 -3.26
CA LEU A 433 -38.17 7.78 -4.36
C LEU A 433 -39.09 8.93 -3.96
N TYR A 434 -38.76 10.14 -4.42
CA TYR A 434 -39.72 11.24 -4.32
C TYR A 434 -41.09 10.81 -4.82
N GLY A 435 -42.14 11.29 -4.15
CA GLY A 435 -43.48 11.17 -4.69
C GLY A 435 -43.74 12.20 -5.79
N SER A 436 -44.86 12.01 -6.50
CA SER A 436 -45.15 12.87 -7.64
C SER A 436 -45.35 14.32 -7.24
N LYS A 437 -45.73 14.59 -5.99
CA LYS A 437 -45.91 15.94 -5.50
C LYS A 437 -44.66 16.48 -4.83
N ASP A 438 -43.61 15.68 -4.70
CA ASP A 438 -42.39 16.14 -4.06
C ASP A 438 -41.55 16.93 -5.06
N ARG A 439 -40.75 17.85 -4.53
CA ARG A 439 -39.83 18.67 -5.30
C ARG A 439 -38.51 18.75 -4.55
N PRO A 440 -37.39 18.84 -5.24
CA PRO A 440 -36.12 19.02 -4.54
C PRO A 440 -36.09 20.38 -3.87
N TRP A 441 -35.47 20.44 -2.69
CA TRP A 441 -35.29 21.72 -2.04
C TRP A 441 -34.47 22.65 -2.93
N ILE A 442 -35.02 23.80 -3.25
CA ILE A 442 -34.35 24.84 -4.02
C ILE A 442 -34.38 26.09 -3.17
N TRP A 443 -33.21 26.64 -2.83
CA TRP A 443 -33.15 27.56 -1.70
C TRP A 443 -33.56 29.00 -2.04
N ASN A 444 -33.59 29.40 -3.31
CA ASN A 444 -33.83 30.80 -3.65
C ASN A 444 -35.17 31.03 -4.35
N ILE A 445 -36.17 30.22 -4.02
CA ILE A 445 -37.56 30.48 -4.40
C ILE A 445 -38.41 30.39 -3.15
N PRO A 446 -39.58 31.02 -3.13
CA PRO A 446 -40.39 31.05 -1.91
C PRO A 446 -41.25 29.80 -1.73
N TYR A 447 -41.52 29.50 -0.46
CA TYR A 447 -42.44 28.42 -0.06
C TYR A 447 -43.44 29.02 0.92
N VAL A 448 -44.68 29.22 0.49
CA VAL A 448 -45.64 29.96 1.30
C VAL A 448 -46.97 29.23 1.36
N LYS A 449 -46.98 27.96 0.99
CA LYS A 449 -48.22 27.19 1.02
C LYS A 449 -48.47 26.53 2.37
N ALA A 450 -47.42 26.11 3.07
CA ALA A 450 -47.55 25.47 4.36
C ALA A 450 -46.41 25.91 5.27
N PRO A 451 -46.70 26.24 6.52
CA PRO A 451 -45.65 26.72 7.43
C PRO A 451 -44.77 25.60 7.95
N ASP A 452 -43.59 25.98 8.44
CA ASP A 452 -42.61 25.01 8.92
C ASP A 452 -42.83 24.75 10.41
N THR A 453 -41.93 23.97 11.01
CA THR A 453 -42.08 23.57 12.40
C THR A 453 -42.00 24.73 13.37
N HIS A 454 -41.55 25.91 12.92
CA HIS A 454 -41.53 27.09 13.77
C HIS A 454 -42.64 28.08 13.44
N GLY A 455 -43.53 27.72 12.52
CA GLY A 455 -44.66 28.56 12.19
C GLY A 455 -44.44 29.52 11.04
N ASN A 456 -43.35 29.38 10.30
CA ASN A 456 -42.92 30.39 9.35
C ASN A 456 -42.95 29.88 7.92
N MET A 457 -43.03 30.82 6.97
CA MET A 457 -42.85 30.53 5.57
C MET A 457 -41.40 30.82 5.19
N TRP A 458 -41.08 30.63 3.91
CA TRP A 458 -39.75 30.85 3.36
C TRP A 458 -39.85 31.87 2.25
N VAL A 459 -39.28 33.06 2.47
CA VAL A 459 -39.34 34.16 1.50
C VAL A 459 -37.95 34.74 1.31
N PRO A 460 -37.16 34.24 0.34
CA PRO A 460 -35.78 34.68 0.07
C PRO A 460 -35.65 36.17 -0.26
N GLY B 14 20.41 -7.29 9.69
CA GLY B 14 20.60 -7.04 11.11
C GLY B 14 19.61 -6.09 11.75
N ASN B 15 19.98 -4.80 11.86
CA ASN B 15 19.28 -3.90 12.76
C ASN B 15 17.78 -3.80 12.42
N PRO B 16 17.32 -3.06 11.38
CA PRO B 16 15.91 -3.26 11.00
C PRO B 16 15.79 -4.17 9.80
N PHE B 17 16.92 -4.50 9.18
CA PHE B 17 16.85 -5.11 7.86
C PHE B 17 16.69 -6.61 7.94
N GLN B 18 17.22 -7.25 8.99
CA GLN B 18 17.11 -8.70 9.16
C GLN B 18 17.61 -9.43 7.91
N PHE B 19 18.70 -8.91 7.35
CA PHE B 19 19.40 -9.53 6.23
C PHE B 19 20.65 -10.20 6.75
N TYR B 20 20.78 -11.50 6.52
CA TYR B 20 21.88 -12.29 7.06
C TYR B 20 22.61 -13.05 5.96
N LEU B 21 23.87 -13.38 6.24
CA LEU B 21 24.58 -14.38 5.45
C LEU B 21 24.60 -15.72 6.17
N THR B 22 24.77 -16.79 5.39
CA THR B 22 24.96 -18.09 6.02
C THR B 22 26.36 -18.20 6.61
N ARG B 23 26.49 -19.11 7.57
CA ARG B 23 27.78 -19.41 8.17
C ARG B 23 28.72 -20.05 7.15
N VAL B 24 30.02 -19.69 7.23
CA VAL B 24 31.03 -20.22 6.34
C VAL B 24 32.07 -20.95 7.17
N SER B 25 32.27 -22.24 6.87
N SER B 25 32.28 -22.24 6.87
CA SER B 25 33.32 -23.01 7.51
CA SER B 25 33.32 -23.01 7.52
C SER B 25 34.66 -22.63 6.89
C SER B 25 34.67 -22.67 6.91
N GLY B 26 35.64 -22.33 7.74
CA GLY B 26 36.98 -22.04 7.29
C GLY B 26 37.36 -20.58 7.27
N VAL B 27 36.52 -19.70 7.80
CA VAL B 27 36.89 -18.32 8.03
C VAL B 27 36.93 -18.08 9.53
N LYS B 28 37.61 -17.01 9.92
CA LYS B 28 37.72 -16.66 11.33
C LYS B 28 36.34 -16.46 11.95
N PRO B 29 36.18 -16.78 13.24
CA PRO B 29 34.87 -16.65 13.88
C PRO B 29 34.25 -15.27 13.76
N LYS B 30 35.07 -14.20 13.73
CA LYS B 30 34.54 -12.85 13.63
C LYS B 30 33.65 -12.68 12.41
N TYR B 31 33.93 -13.43 11.33
CA TYR B 31 33.13 -13.34 10.12
C TYR B 31 31.89 -14.21 10.15
N ASN B 32 31.65 -14.96 11.22
CA ASN B 32 30.41 -15.70 11.37
C ASN B 32 29.54 -15.16 12.49
N SER B 33 29.97 -14.08 13.16
CA SER B 33 29.31 -13.63 14.37
C SER B 33 27.84 -13.30 14.12
N GLY B 34 27.56 -12.56 13.07
CA GLY B 34 26.17 -12.27 12.77
C GLY B 34 25.55 -13.17 11.71
N ALA B 35 26.16 -14.32 11.43
CA ALA B 35 25.69 -15.20 10.37
C ALA B 35 24.76 -16.27 10.94
N LEU B 36 24.00 -16.91 10.05
CA LEU B 36 23.01 -17.91 10.45
C LEU B 36 23.26 -19.23 9.74
N HIS B 37 23.30 -20.31 10.50
CA HIS B 37 23.22 -21.65 9.94
C HIS B 37 21.77 -22.09 9.93
N ILE B 38 21.47 -23.08 9.08
CA ILE B 38 20.09 -23.57 9.03
C ILE B 38 19.67 -24.08 10.40
N LYS B 39 20.59 -24.66 11.18
CA LYS B 39 20.25 -25.12 12.51
C LYS B 39 19.85 -23.97 13.43
N ASP B 40 20.44 -22.79 13.23
CA ASP B 40 20.00 -21.62 13.99
C ASP B 40 18.59 -21.22 13.61
N ILE B 41 18.27 -21.25 12.32
CA ILE B 41 16.95 -20.81 11.87
C ILE B 41 15.85 -21.68 12.46
N LEU B 42 16.09 -22.99 12.54
CA LEU B 42 15.08 -23.96 12.97
C LEU B 42 15.10 -24.20 14.48
N SER B 43 15.97 -23.50 15.21
N SER B 43 15.98 -23.53 15.22
CA SER B 43 16.14 -23.73 16.64
CA SER B 43 16.15 -23.81 16.64
C SER B 43 14.85 -23.40 17.41
C SER B 43 14.89 -23.41 17.42
N PRO B 44 14.65 -24.03 18.57
N PRO B 44 14.67 -24.04 18.59
CA PRO B 44 13.50 -23.65 19.41
CA PRO B 44 13.51 -23.65 19.41
C PRO B 44 13.56 -22.22 19.90
C PRO B 44 13.56 -22.21 19.89
N LEU B 45 14.73 -21.58 19.86
CA LEU B 45 14.82 -20.16 20.19
C LEU B 45 14.01 -19.31 19.24
N PHE B 46 13.85 -19.75 17.99
CA PHE B 46 13.08 -19.00 17.00
C PHE B 46 11.57 -19.23 17.13
N GLY B 47 11.15 -20.25 17.87
CA GLY B 47 9.75 -20.55 18.05
C GLY B 47 9.53 -22.04 18.27
N THR B 48 8.34 -22.38 18.76
CA THR B 48 7.98 -23.77 19.05
C THR B 48 7.25 -24.35 17.84
N LEU B 49 7.96 -25.14 17.05
CA LEU B 49 7.51 -25.49 15.71
C LEU B 49 6.33 -26.46 15.74
N VAL B 50 5.30 -26.13 14.97
N VAL B 50 5.31 -26.22 14.92
CA VAL B 50 4.13 -26.95 14.75
CA VAL B 50 4.25 -27.19 14.76
C VAL B 50 4.19 -27.65 13.41
C VAL B 50 4.08 -27.66 13.32
N SER B 51 4.53 -26.91 12.36
N SER B 51 4.54 -26.89 12.33
CA SER B 51 4.67 -27.45 11.01
CA SER B 51 4.52 -27.33 10.93
C SER B 51 5.53 -26.48 10.20
C SER B 51 5.43 -26.42 10.14
N SER B 52 5.96 -26.93 9.03
CA SER B 52 6.80 -26.11 8.16
C SER B 52 6.62 -26.51 6.70
N ALA B 53 6.93 -25.55 5.83
CA ALA B 53 7.00 -25.77 4.40
C ALA B 53 8.39 -25.36 3.92
N GLN B 54 9.02 -26.21 3.12
CA GLN B 54 10.32 -25.92 2.55
C GLN B 54 10.15 -25.84 1.03
N PHE B 55 10.16 -24.62 0.52
CA PHE B 55 10.20 -24.36 -0.91
C PHE B 55 11.67 -24.40 -1.34
N ASN B 56 11.99 -25.22 -2.34
CA ASN B 56 13.38 -25.20 -2.78
C ASN B 56 13.49 -25.84 -4.15
N TYR B 57 14.75 -25.93 -4.62
CA TYR B 57 15.08 -26.57 -5.87
C TYR B 57 15.65 -27.96 -5.64
N CYS B 58 16.72 -28.08 -4.86
N CYS B 58 16.74 -28.06 -4.89
CA CYS B 58 17.39 -29.35 -4.60
CA CYS B 58 17.39 -29.32 -4.56
C CYS B 58 17.33 -29.67 -3.10
C CYS B 58 17.20 -29.64 -3.09
N PHE B 59 16.98 -30.92 -2.78
CA PHE B 59 16.77 -31.39 -1.42
C PHE B 59 17.65 -32.61 -1.13
N ASP B 60 18.27 -32.62 0.05
CA ASP B 60 18.81 -33.85 0.66
C ASP B 60 17.96 -34.07 1.91
N VAL B 61 16.97 -34.96 1.81
CA VAL B 61 15.96 -35.06 2.86
C VAL B 61 16.57 -35.58 4.16
N ASP B 62 17.45 -36.58 4.06
CA ASP B 62 18.14 -37.07 5.25
C ASP B 62 18.86 -35.92 5.96
N TRP B 63 19.61 -35.13 5.19
CA TRP B 63 20.31 -33.98 5.77
C TRP B 63 19.32 -32.98 6.34
N LEU B 64 18.25 -32.69 5.60
CA LEU B 64 17.30 -31.66 6.02
C LEU B 64 16.68 -31.98 7.38
N VAL B 65 16.21 -33.21 7.57
CA VAL B 65 15.54 -33.56 8.83
C VAL B 65 16.51 -33.41 10.00
N LYS B 66 17.78 -33.74 9.80
CA LYS B 66 18.75 -33.60 10.89
C LYS B 66 19.05 -32.15 11.24
N GLN B 67 18.68 -31.20 10.37
CA GLN B 67 18.85 -29.79 10.70
C GLN B 67 17.74 -29.27 11.60
N TYR B 68 16.59 -29.95 11.62
CA TYR B 68 15.57 -29.63 12.60
C TYR B 68 15.99 -30.12 13.98
N PRO B 69 15.67 -29.39 15.05
CA PRO B 69 15.94 -29.90 16.40
C PRO B 69 15.26 -31.26 16.58
N PRO B 70 15.87 -32.15 17.37
CA PRO B 70 15.30 -33.49 17.52
C PRO B 70 13.84 -33.49 17.95
N GLU B 71 13.46 -32.60 18.87
CA GLU B 71 12.08 -32.52 19.33
C GLU B 71 11.11 -32.11 18.22
N PHE B 72 11.59 -31.51 17.13
CA PHE B 72 10.72 -31.04 16.07
C PHE B 72 10.74 -31.94 14.84
N ARG B 73 11.54 -33.01 14.86
CA ARG B 73 11.79 -33.78 13.63
C ARG B 73 10.58 -34.58 13.16
N LYS B 74 9.54 -34.72 13.96
CA LYS B 74 8.35 -35.44 13.53
C LYS B 74 7.19 -34.51 13.19
N LYS B 75 7.38 -33.20 13.26
CA LYS B 75 6.35 -32.27 12.84
C LYS B 75 6.20 -32.31 11.32
N PRO B 76 5.00 -32.05 10.80
CA PRO B 76 4.79 -32.16 9.35
C PRO B 76 5.69 -31.20 8.58
N ILE B 77 6.26 -31.70 7.49
CA ILE B 77 7.08 -30.92 6.58
C ILE B 77 6.49 -31.08 5.18
N LEU B 78 6.27 -29.95 4.50
CA LEU B 78 5.86 -29.95 3.11
C LEU B 78 7.04 -29.52 2.26
N LEU B 79 7.43 -30.38 1.31
CA LEU B 79 8.48 -30.05 0.35
C LEU B 79 7.83 -29.55 -0.93
N VAL B 80 8.10 -28.29 -1.29
CA VAL B 80 7.59 -27.73 -2.54
C VAL B 80 8.73 -27.71 -3.54
N HIS B 81 8.57 -28.45 -4.63
CA HIS B 81 9.63 -28.72 -5.59
C HIS B 81 9.06 -28.68 -6.99
N GLY B 82 9.93 -28.78 -7.99
CA GLY B 82 9.48 -28.80 -9.38
C GLY B 82 9.85 -30.02 -10.18
N ASP B 83 10.31 -31.09 -9.52
CA ASP B 83 10.85 -32.26 -10.21
C ASP B 83 9.75 -33.05 -10.94
N LYS B 84 10.13 -33.66 -12.06
CA LYS B 84 9.22 -34.49 -12.84
C LYS B 84 9.85 -35.85 -13.10
N ARG B 85 8.99 -36.79 -13.49
CA ARG B 85 9.40 -38.07 -14.08
C ARG B 85 10.37 -38.78 -13.12
N GLU B 86 11.57 -39.17 -13.58
CA GLU B 86 12.50 -39.92 -12.72
C GLU B 86 12.97 -39.07 -11.54
N ALA B 87 13.21 -37.77 -11.76
CA ALA B 87 13.64 -36.91 -10.66
C ALA B 87 12.58 -36.85 -9.57
N LYS B 88 11.31 -36.75 -9.96
CA LYS B 88 10.23 -36.71 -8.99
C LYS B 88 10.17 -37.99 -8.16
N ALA B 89 10.31 -39.15 -8.83
CA ALA B 89 10.30 -40.43 -8.11
C ALA B 89 11.43 -40.50 -7.10
N HIS B 90 12.63 -40.03 -7.48
CA HIS B 90 13.76 -40.09 -6.56
C HIS B 90 13.52 -39.25 -5.32
N LEU B 91 12.92 -38.06 -5.49
CA LEU B 91 12.63 -37.23 -4.32
C LEU B 91 11.60 -37.90 -3.41
N HIS B 92 10.55 -38.49 -4.00
CA HIS B 92 9.61 -39.25 -3.19
C HIS B 92 10.29 -40.38 -2.44
N ALA B 93 11.25 -41.06 -3.08
CA ALA B 93 11.98 -42.12 -2.40
C ALA B 93 12.79 -41.58 -1.24
N GLN B 94 13.40 -40.40 -1.40
CA GLN B 94 14.10 -39.76 -0.28
C GLN B 94 13.16 -39.54 0.90
N ALA B 95 11.94 -39.11 0.63
CA ALA B 95 11.01 -38.73 1.69
C ALA B 95 10.28 -39.91 2.30
N LYS B 96 10.21 -41.05 1.60
CA LYS B 96 9.40 -42.17 2.07
C LYS B 96 9.71 -42.62 3.49
N PRO B 97 10.96 -42.67 3.96
CA PRO B 97 11.19 -43.06 5.37
C PRO B 97 10.53 -42.16 6.40
N TYR B 98 10.13 -40.93 6.04
CA TYR B 98 9.68 -39.94 7.03
C TYR B 98 8.17 -39.73 6.89
N GLU B 99 7.43 -40.34 7.83
CA GLU B 99 5.97 -40.33 7.87
C GLU B 99 5.38 -38.93 7.79
N ASN B 100 6.12 -37.94 8.28
CA ASN B 100 5.61 -36.59 8.45
C ASN B 100 5.88 -35.70 7.24
N ILE B 101 6.50 -36.21 6.19
CA ILE B 101 6.89 -35.38 5.06
C ILE B 101 5.92 -35.58 3.91
N SER B 102 5.29 -34.49 3.48
N SER B 102 5.31 -34.48 3.48
CA SER B 102 4.46 -34.45 2.30
CA SER B 102 4.46 -34.42 2.30
C SER B 102 5.17 -33.66 1.20
C SER B 102 5.18 -33.65 1.20
N LEU B 103 4.74 -33.86 -0.03
CA LEU B 103 5.37 -33.22 -1.19
C LEU B 103 4.34 -32.49 -2.04
N CYS B 104 4.73 -31.33 -2.56
CA CYS B 104 3.94 -30.57 -3.52
C CYS B 104 4.79 -30.34 -4.77
N GLN B 105 4.33 -30.86 -5.90
CA GLN B 105 5.01 -30.67 -7.17
C GLN B 105 4.45 -29.44 -7.87
N ALA B 106 5.23 -28.35 -7.85
CA ALA B 106 4.83 -27.13 -8.53
C ALA B 106 4.73 -27.37 -10.02
N LYS B 107 3.63 -26.92 -10.62
CA LYS B 107 3.43 -27.14 -12.05
C LYS B 107 4.37 -26.25 -12.85
N LEU B 108 4.98 -26.84 -13.89
CA LEU B 108 5.91 -26.15 -14.78
C LEU B 108 5.40 -26.36 -16.20
N ASP B 109 4.40 -25.58 -16.58
CA ASP B 109 3.70 -25.76 -17.84
C ASP B 109 4.34 -24.99 -18.99
N ILE B 110 5.56 -24.49 -18.80
CA ILE B 110 6.33 -23.86 -19.86
C ILE B 110 7.68 -24.54 -19.93
N ALA B 111 8.11 -24.88 -21.14
CA ALA B 111 9.35 -25.61 -21.33
C ALA B 111 10.54 -24.87 -20.71
N PHE B 112 11.50 -25.64 -20.21
CA PHE B 112 12.77 -25.15 -19.66
C PHE B 112 12.59 -24.28 -18.44
N GLY B 113 11.47 -24.44 -17.72
CA GLY B 113 11.25 -23.75 -16.48
C GLY B 113 11.60 -24.59 -15.28
N THR B 114 11.86 -23.91 -14.16
CA THR B 114 12.37 -24.55 -12.96
C THR B 114 11.70 -23.96 -11.73
N HIS B 115 11.70 -24.73 -10.64
CA HIS B 115 11.21 -24.21 -9.36
C HIS B 115 12.43 -23.80 -8.53
N HIS B 116 12.79 -22.51 -8.60
CA HIS B 116 14.01 -22.05 -7.96
C HIS B 116 13.76 -21.37 -6.62
N THR B 117 12.51 -21.03 -6.30
CA THR B 117 12.20 -20.31 -5.08
C THR B 117 12.71 -21.04 -3.85
N LYS B 118 13.38 -20.30 -2.95
CA LYS B 118 13.89 -20.82 -1.69
C LYS B 118 13.22 -20.07 -0.54
N MET B 119 12.28 -20.74 0.12
CA MET B 119 11.49 -20.11 1.17
C MET B 119 11.16 -21.14 2.22
N MET B 120 11.17 -20.72 3.48
CA MET B 120 10.64 -21.50 4.58
C MET B 120 9.40 -20.81 5.15
N LEU B 121 8.33 -21.57 5.33
CA LEU B 121 7.19 -21.12 6.11
C LEU B 121 7.22 -21.92 7.41
N LEU B 122 7.29 -21.21 8.53
CA LEU B 122 7.49 -21.86 9.83
C LEU B 122 6.33 -21.47 10.74
N LEU B 123 5.47 -22.43 11.03
CA LEU B 123 4.31 -22.22 11.90
C LEU B 123 4.68 -22.64 13.32
N TYR B 124 4.54 -21.72 14.25
CA TYR B 124 4.84 -21.97 15.66
C TYR B 124 3.58 -21.89 16.50
N GLU B 125 3.69 -22.36 17.74
CA GLU B 125 2.64 -22.10 18.72
C GLU B 125 2.50 -20.60 18.98
N GLU B 126 3.60 -19.85 18.86
CA GLU B 126 3.61 -18.43 19.17
C GLU B 126 3.32 -17.54 17.98
N GLY B 127 3.23 -18.09 16.78
CA GLY B 127 3.02 -17.24 15.62
C GLY B 127 3.58 -17.91 14.37
N LEU B 128 3.97 -17.06 13.41
CA LEU B 128 4.37 -17.50 12.08
C LEU B 128 5.62 -16.75 11.65
N ARG B 129 6.56 -17.44 11.00
CA ARG B 129 7.73 -16.78 10.44
C ARG B 129 7.90 -17.19 8.98
N VAL B 130 8.38 -16.24 8.17
CA VAL B 130 8.67 -16.48 6.77
C VAL B 130 10.15 -16.21 6.56
N VAL B 131 10.83 -17.15 5.91
CA VAL B 131 12.26 -17.02 5.59
C VAL B 131 12.40 -17.10 4.08
N ILE B 132 12.99 -16.07 3.47
CA ILE B 132 13.25 -16.09 2.03
C ILE B 132 14.76 -16.02 1.86
N HIS B 133 15.32 -16.97 1.14
CA HIS B 133 16.78 -17.12 1.19
C HIS B 133 17.28 -17.66 -0.15
N THR B 134 18.54 -18.05 -0.23
CA THR B 134 19.13 -18.41 -1.51
C THR B 134 19.75 -19.80 -1.56
N SER B 135 19.68 -20.58 -0.49
CA SER B 135 20.40 -21.86 -0.41
C SER B 135 19.52 -23.07 -0.73
N ASN B 136 20.08 -24.00 -1.50
CA ASN B 136 19.48 -25.32 -1.61
C ASN B 136 19.55 -26.04 -0.27
N LEU B 137 18.70 -27.05 -0.11
CA LEU B 137 18.66 -27.79 1.15
C LEU B 137 19.58 -29.01 1.08
N ILE B 138 20.86 -28.72 0.85
CA ILE B 138 21.92 -29.72 0.79
C ILE B 138 23.12 -29.17 1.57
N HIS B 139 23.93 -30.08 2.10
CA HIS B 139 25.04 -29.68 2.96
C HIS B 139 25.94 -28.65 2.29
N ALA B 140 26.29 -28.88 1.02
CA ALA B 140 27.29 -28.03 0.37
C ALA B 140 26.82 -26.58 0.24
N ASP B 141 25.52 -26.33 0.13
CA ASP B 141 25.08 -24.95 -0.03
C ASP B 141 25.21 -24.13 1.25
N TRP B 142 25.31 -24.77 2.41
CA TRP B 142 25.44 -24.03 3.66
C TRP B 142 26.84 -24.15 4.26
N HIS B 143 27.82 -24.65 3.50
CA HIS B 143 29.13 -24.97 4.05
C HIS B 143 30.14 -23.86 3.81
N GLN B 144 30.53 -23.64 2.54
CA GLN B 144 31.56 -22.65 2.25
C GLN B 144 31.14 -21.67 1.15
N LYS B 145 29.84 -21.37 1.06
CA LYS B 145 29.34 -20.43 0.06
C LYS B 145 28.86 -19.15 0.74
N THR B 146 28.82 -18.08 -0.04
CA THR B 146 28.13 -16.86 0.36
C THR B 146 26.68 -16.99 -0.08
N GLN B 147 25.78 -17.02 0.90
CA GLN B 147 24.33 -17.12 0.67
C GLN B 147 23.64 -16.06 1.51
N GLY B 148 22.44 -15.68 1.10
CA GLY B 148 21.69 -14.62 1.76
C GLY B 148 20.39 -15.13 2.33
N ILE B 149 19.95 -14.51 3.42
CA ILE B 149 18.74 -14.88 4.17
C ILE B 149 18.02 -13.61 4.58
N TRP B 150 16.71 -13.57 4.37
CA TRP B 150 15.84 -12.57 5.01
C TRP B 150 14.94 -13.27 6.01
N LEU B 151 14.96 -12.79 7.25
CA LEU B 151 14.12 -13.32 8.32
C LEU B 151 12.97 -12.36 8.58
N SER B 152 11.73 -12.84 8.46
CA SER B 152 10.59 -12.03 8.83
C SER B 152 10.53 -11.87 10.34
N PRO B 153 9.79 -10.87 10.84
CA PRO B 153 9.44 -10.86 12.26
C PRO B 153 8.64 -12.09 12.62
N LEU B 154 8.51 -12.33 13.92
CA LEU B 154 7.50 -13.26 14.41
C LEU B 154 6.13 -12.63 14.24
N TYR B 155 5.31 -13.22 13.38
CA TYR B 155 3.99 -12.68 13.11
C TYR B 155 2.99 -13.29 14.09
N PRO B 156 2.31 -12.49 14.89
CA PRO B 156 1.31 -13.04 15.82
C PRO B 156 0.03 -13.45 15.10
N ARG B 157 -0.69 -14.38 15.71
CA ARG B 157 -2.00 -14.75 15.17
C ARG B 157 -3.01 -13.65 15.47
N ILE B 158 -3.87 -13.36 14.50
CA ILE B 158 -4.98 -12.44 14.76
C ILE B 158 -5.98 -13.14 15.66
N ALA B 159 -6.43 -12.44 16.70
CA ALA B 159 -7.38 -13.01 17.65
C ALA B 159 -8.61 -13.56 16.92
N ASP B 160 -9.10 -14.69 17.40
CA ASP B 160 -10.29 -15.28 16.81
C ASP B 160 -11.50 -14.39 17.09
N GLY B 161 -12.37 -14.27 16.09
CA GLY B 161 -13.46 -13.31 16.19
C GLY B 161 -13.05 -11.87 16.01
N THR B 162 -11.81 -11.62 15.61
CA THR B 162 -11.32 -10.28 15.31
C THR B 162 -11.20 -10.12 13.81
N HIS B 163 -11.69 -9.00 13.29
CA HIS B 163 -11.60 -8.67 11.86
C HIS B 163 -10.58 -7.56 11.67
N LYS B 164 -9.37 -7.92 11.24
CA LYS B 164 -8.38 -6.94 10.80
C LYS B 164 -7.63 -7.52 9.61
N SER B 165 -6.98 -6.66 8.84
CA SER B 165 -6.33 -7.18 7.64
C SER B 165 -5.02 -7.91 7.95
N GLY B 166 -4.31 -7.47 8.99
CA GLY B 166 -2.97 -7.96 9.16
C GLY B 166 -1.99 -7.57 8.07
N GLU B 167 -2.31 -6.53 7.30
CA GLU B 167 -1.53 -6.16 6.14
C GLU B 167 -0.47 -5.12 6.51
N SER B 168 0.67 -5.18 5.81
CA SER B 168 1.76 -4.23 6.00
C SER B 168 1.68 -3.09 5.00
N PRO B 169 2.39 -1.96 5.23
CA PRO B 169 2.40 -0.90 4.21
C PRO B 169 3.03 -1.33 2.90
N THR B 170 3.79 -2.42 2.88
CA THR B 170 4.37 -2.94 1.65
C THR B 170 3.47 -3.97 0.96
N HIS B 171 2.27 -4.23 1.48
CA HIS B 171 1.32 -5.19 0.90
C HIS B 171 1.85 -6.62 0.89
N PHE B 172 2.80 -6.91 1.79
CA PHE B 172 3.48 -8.20 1.75
C PHE B 172 2.53 -9.36 1.97
N LYS B 173 1.53 -9.19 2.82
CA LYS B 173 0.65 -10.33 3.13
C LYS B 173 -0.15 -10.75 1.91
N ALA B 174 -0.86 -9.80 1.29
CA ALA B 174 -1.58 -10.08 0.06
C ALA B 174 -0.65 -10.58 -1.03
N ASP B 175 0.55 -10.00 -1.13
CA ASP B 175 1.45 -10.38 -2.20
C ASP B 175 1.98 -11.79 -2.01
N LEU B 176 2.25 -12.18 -0.75
CA LEU B 176 2.70 -13.55 -0.50
C LEU B 176 1.58 -14.53 -0.81
N ILE B 177 0.35 -14.19 -0.42
CA ILE B 177 -0.76 -15.08 -0.72
C ILE B 177 -0.94 -15.20 -2.24
N SER B 178 -0.84 -14.07 -2.96
N SER B 178 -0.85 -14.07 -2.95
CA SER B 178 -0.94 -14.13 -4.41
CA SER B 178 -0.92 -14.10 -4.41
C SER B 178 0.15 -15.02 -5.01
C SER B 178 0.15 -15.00 -5.02
N TYR B 179 1.37 -14.96 -4.47
CA TYR B 179 2.43 -15.81 -4.98
C TYR B 179 2.06 -17.28 -4.78
N LEU B 180 1.57 -17.63 -3.60
CA LEU B 180 1.19 -19.01 -3.35
C LEU B 180 -0.03 -19.42 -4.15
N MET B 181 -0.95 -18.49 -4.44
N MET B 181 -0.94 -18.49 -4.44
CA MET B 181 -2.13 -18.85 -5.22
CA MET B 181 -2.14 -18.82 -5.22
C MET B 181 -1.77 -19.28 -6.64
C MET B 181 -1.79 -19.25 -6.64
N ALA B 182 -0.66 -18.77 -7.17
CA ALA B 182 -0.27 -19.11 -8.54
C ALA B 182 0.04 -20.59 -8.70
N TYR B 183 0.44 -21.28 -7.62
CA TYR B 183 0.69 -22.72 -7.69
C TYR B 183 -0.59 -23.52 -7.95
N ASN B 184 -1.74 -23.03 -7.48
CA ASN B 184 -3.00 -23.75 -7.64
C ASN B 184 -2.91 -25.14 -7.01
N ALA B 185 -2.33 -25.20 -5.81
CA ALA B 185 -1.99 -26.45 -5.17
C ALA B 185 -2.76 -26.61 -3.87
N PRO B 186 -3.42 -27.75 -3.64
CA PRO B 186 -4.20 -27.89 -2.40
C PRO B 186 -3.37 -27.81 -1.15
N SER B 187 -2.13 -28.32 -1.15
CA SER B 187 -1.30 -28.22 0.04
C SER B 187 -0.94 -26.78 0.35
N LEU B 188 -0.85 -25.92 -0.66
CA LEU B 188 -0.52 -24.52 -0.43
C LEU B 188 -1.73 -23.68 -0.09
N LYS B 189 -2.93 -24.08 -0.51
CA LYS B 189 -4.12 -23.41 0.01
C LYS B 189 -4.18 -23.52 1.52
N GLU B 190 -3.72 -24.64 2.08
CA GLU B 190 -3.65 -24.78 3.53
C GLU B 190 -2.74 -23.72 4.13
N TRP B 191 -1.61 -23.45 3.47
CA TRP B 191 -0.70 -22.46 4.02
C TRP B 191 -1.21 -21.05 3.79
N ILE B 192 -1.95 -20.83 2.70
CA ILE B 192 -2.63 -19.54 2.51
C ILE B 192 -3.56 -19.25 3.67
N ASP B 193 -4.33 -20.26 4.10
CA ASP B 193 -5.25 -20.06 5.21
C ASP B 193 -4.49 -19.79 6.51
N VAL B 194 -3.32 -20.40 6.68
CA VAL B 194 -2.48 -20.08 7.83
C VAL B 194 -2.06 -18.61 7.79
N ILE B 195 -1.61 -18.15 6.63
CA ILE B 195 -1.16 -16.76 6.53
C ILE B 195 -2.30 -15.80 6.80
N HIS B 196 -3.49 -16.09 6.28
CA HIS B 196 -4.66 -15.25 6.53
C HIS B 196 -4.89 -15.02 8.03
N LYS B 197 -4.63 -16.05 8.85
CA LYS B 197 -4.86 -16.00 10.29
C LYS B 197 -3.83 -15.19 11.04
N HIS B 198 -2.75 -14.72 10.40
CA HIS B 198 -1.68 -14.03 11.11
C HIS B 198 -1.56 -12.57 10.70
N ASP B 199 -0.93 -11.79 11.58
CA ASP B 199 -0.74 -10.35 11.41
C ASP B 199 0.66 -10.11 10.88
N LEU B 200 0.76 -9.75 9.60
CA LEU B 200 2.04 -9.49 8.98
C LEU B 200 2.35 -7.99 8.83
N SER B 201 1.69 -7.16 9.64
CA SER B 201 1.75 -5.72 9.41
C SER B 201 3.12 -5.11 9.66
N GLU B 202 4.01 -5.79 10.39
CA GLU B 202 5.33 -5.23 10.66
C GLU B 202 6.29 -5.40 9.50
N THR B 203 5.90 -6.08 8.43
CA THR B 203 6.82 -6.36 7.32
C THR B 203 7.16 -5.09 6.58
N ASN B 204 8.47 -4.85 6.42
N ASN B 204 8.47 -4.83 6.41
CA ASN B 204 8.97 -3.63 5.77
CA ASN B 204 8.91 -3.63 5.71
C ASN B 204 9.63 -3.90 4.42
C ASN B 204 9.75 -3.94 4.48
N VAL B 205 9.61 -5.14 3.93
CA VAL B 205 10.14 -5.46 2.62
C VAL B 205 8.99 -5.69 1.64
N TYR B 206 9.29 -5.49 0.35
CA TYR B 206 8.37 -5.82 -0.74
C TYR B 206 8.73 -7.17 -1.34
N LEU B 207 7.71 -7.97 -1.63
CA LEU B 207 7.92 -9.27 -2.25
C LEU B 207 8.07 -9.11 -3.76
N ILE B 208 9.06 -9.78 -4.35
CA ILE B 208 9.21 -9.80 -5.81
C ILE B 208 9.31 -11.25 -6.23
N GLY B 209 8.23 -11.76 -6.83
CA GLY B 209 8.24 -13.15 -7.28
C GLY B 209 8.16 -13.28 -8.78
N SER B 210 8.57 -14.45 -9.27
CA SER B 210 8.32 -14.89 -10.63
C SER B 210 7.52 -16.18 -10.54
N THR B 211 6.55 -16.33 -11.44
N THR B 211 6.52 -16.32 -11.42
CA THR B 211 5.78 -17.55 -11.59
CA THR B 211 5.82 -17.58 -11.58
C THR B 211 5.64 -17.84 -13.08
C THR B 211 5.66 -17.85 -13.07
N PRO B 212 5.57 -19.11 -13.47
CA PRO B 212 5.50 -19.42 -14.91
C PRO B 212 4.20 -18.91 -15.53
N GLY B 213 4.32 -18.31 -16.71
CA GLY B 213 3.13 -17.92 -17.43
C GLY B 213 3.43 -16.90 -18.52
N ARG B 214 2.34 -16.50 -19.18
N ARG B 214 2.35 -16.52 -19.20
CA ARG B 214 2.35 -15.46 -20.22
CA ARG B 214 2.37 -15.45 -20.20
C ARG B 214 1.36 -14.39 -19.77
C ARG B 214 1.36 -14.40 -19.75
N PHE B 215 1.87 -13.30 -19.21
CA PHE B 215 1.05 -12.29 -18.56
C PHE B 215 0.87 -11.07 -19.44
N GLN B 216 -0.39 -10.64 -19.59
CA GLN B 216 -0.72 -9.47 -20.38
C GLN B 216 -1.59 -8.54 -19.55
N GLY B 217 -1.76 -7.31 -20.05
CA GLY B 217 -2.49 -6.33 -19.29
C GLY B 217 -1.73 -5.94 -18.04
N SER B 218 -2.47 -5.53 -17.01
CA SER B 218 -1.85 -5.15 -15.76
C SER B 218 -1.24 -6.34 -15.03
N GLN B 219 -1.66 -7.56 -15.37
CA GLN B 219 -1.03 -8.75 -14.79
C GLN B 219 0.45 -8.82 -15.12
N LYS B 220 0.89 -8.12 -16.16
CA LYS B 220 2.33 -8.00 -16.43
C LYS B 220 3.08 -7.44 -15.24
N ASP B 221 2.46 -6.55 -14.48
CA ASP B 221 3.13 -5.90 -13.37
C ASP B 221 3.25 -6.79 -12.14
N ASN B 222 2.71 -8.01 -12.18
CA ASN B 222 2.69 -8.85 -10.99
C ASN B 222 4.02 -9.55 -10.72
N TRP B 223 4.83 -9.80 -11.76
CA TRP B 223 5.94 -10.73 -11.63
C TRP B 223 7.20 -10.21 -12.33
N GLY B 224 8.34 -10.78 -11.92
CA GLY B 224 9.56 -10.61 -12.67
C GLY B 224 10.03 -9.17 -12.72
N HIS B 225 10.65 -8.79 -13.84
CA HIS B 225 11.26 -7.48 -13.90
C HIS B 225 10.23 -6.36 -14.08
N PHE B 226 9.03 -6.67 -14.58
CA PHE B 226 7.96 -5.68 -14.58
C PHE B 226 7.44 -5.43 -13.17
N ARG B 227 7.49 -6.45 -12.29
CA ARG B 227 7.13 -6.24 -10.89
C ARG B 227 8.13 -5.31 -10.20
N LEU B 228 9.43 -5.53 -10.44
CA LEU B 228 10.44 -4.63 -9.91
C LEU B 228 10.23 -3.20 -10.42
N LYS B 229 9.99 -3.06 -11.73
CA LYS B 229 9.78 -1.75 -12.32
C LYS B 229 8.60 -1.03 -11.66
N LYS B 230 7.51 -1.75 -11.42
CA LYS B 230 6.33 -1.11 -10.85
C LYS B 230 6.59 -0.64 -9.43
N LEU B 231 7.30 -1.45 -8.63
CA LEU B 231 7.65 -1.04 -7.27
C LEU B 231 8.56 0.17 -7.26
N LEU B 232 9.54 0.20 -8.16
CA LEU B 232 10.46 1.34 -8.23
C LEU B 232 9.75 2.60 -8.67
N LYS B 233 8.81 2.49 -9.61
CA LYS B 233 8.05 3.66 -10.04
C LYS B 233 7.17 4.18 -8.91
N ASP B 234 6.54 3.28 -8.15
CA ASP B 234 5.55 3.70 -7.17
C ASP B 234 6.14 4.07 -5.81
N HIS B 235 7.32 3.55 -5.44
CA HIS B 235 7.80 3.65 -4.08
C HIS B 235 9.24 4.13 -3.95
N ALA B 236 9.88 4.50 -5.04
CA ALA B 236 11.19 5.13 -5.01
C ALA B 236 11.07 6.47 -5.70
N SER B 237 12.01 7.36 -5.41
CA SER B 237 12.02 8.69 -6.02
C SER B 237 13.26 8.83 -6.89
N SER B 238 13.12 9.60 -7.97
CA SER B 238 14.28 9.90 -8.79
C SER B 238 15.04 11.06 -8.18
N MET B 239 16.35 10.98 -8.21
CA MET B 239 17.23 12.00 -7.68
C MET B 239 17.95 12.73 -8.81
N PRO B 240 18.50 13.91 -8.55
CA PRO B 240 19.32 14.57 -9.58
C PRO B 240 20.46 13.66 -10.02
N ASN B 241 20.77 13.70 -11.32
CA ASN B 241 21.87 12.93 -11.90
C ASN B 241 21.68 11.42 -11.67
N ALA B 242 20.43 10.95 -11.76
CA ALA B 242 20.18 9.52 -11.62
C ALA B 242 20.87 8.69 -12.70
N GLU B 243 21.14 9.28 -13.87
CA GLU B 243 21.93 8.61 -14.89
C GLU B 243 23.32 8.23 -14.38
N SER B 244 23.77 8.86 -13.29
CA SER B 244 25.07 8.62 -12.70
C SER B 244 25.07 7.46 -11.71
N TRP B 245 23.90 7.04 -11.23
CA TRP B 245 23.79 5.97 -10.26
C TRP B 245 23.84 4.62 -10.96
N PRO B 246 24.89 3.83 -10.75
CA PRO B 246 24.99 2.54 -11.46
C PRO B 246 23.91 1.56 -11.04
N VAL B 247 23.76 0.52 -11.87
CA VAL B 247 23.02 -0.68 -11.51
C VAL B 247 24.03 -1.80 -11.32
N VAL B 248 23.89 -2.55 -10.24
CA VAL B 248 24.74 -3.70 -9.96
C VAL B 248 23.89 -4.95 -9.94
N GLY B 249 24.28 -5.95 -10.71
CA GLY B 249 23.65 -7.27 -10.66
C GLY B 249 24.71 -8.30 -10.33
N GLN B 250 24.36 -9.22 -9.43
CA GLN B 250 25.31 -10.18 -8.88
C GLN B 250 24.61 -11.54 -8.80
N PHE B 251 25.20 -12.56 -9.41
CA PHE B 251 24.46 -13.79 -9.69
C PHE B 251 25.42 -14.98 -9.76
N SER B 252 24.83 -16.18 -9.82
CA SER B 252 25.62 -17.40 -9.86
C SER B 252 25.44 -18.17 -11.17
N SER B 253 24.58 -17.70 -12.07
N SER B 253 24.56 -17.72 -12.06
CA SER B 253 24.46 -18.30 -13.39
CA SER B 253 24.34 -18.33 -13.37
C SER B 253 23.88 -17.28 -14.36
C SER B 253 23.92 -17.25 -14.35
N VAL B 254 24.12 -17.52 -15.64
CA VAL B 254 23.70 -16.62 -16.72
C VAL B 254 22.95 -17.44 -17.75
N GLY B 255 21.80 -16.93 -18.20
CA GLY B 255 21.08 -17.54 -19.30
C GLY B 255 21.59 -17.06 -20.64
N SER B 256 20.96 -17.55 -21.70
CA SER B 256 21.26 -17.05 -23.05
C SER B 256 20.53 -15.74 -23.25
N LEU B 257 21.27 -14.64 -23.36
CA LEU B 257 20.66 -13.32 -23.36
C LEU B 257 20.46 -12.73 -24.75
N GLY B 258 21.02 -13.33 -25.79
CA GLY B 258 20.89 -12.83 -27.15
C GLY B 258 22.24 -12.50 -27.76
N ALA B 259 22.19 -12.16 -29.05
CA ALA B 259 23.39 -11.93 -29.84
C ALA B 259 24.06 -10.59 -29.56
N ASP B 260 23.37 -9.68 -28.88
CA ASP B 260 23.97 -8.42 -28.43
C ASP B 260 23.14 -7.91 -27.26
N GLU B 261 23.61 -6.81 -26.66
CA GLU B 261 22.98 -6.30 -25.45
C GLU B 261 21.61 -5.70 -25.70
N SER B 262 21.30 -5.33 -26.95
CA SER B 262 20.02 -4.71 -27.26
C SER B 262 18.86 -5.71 -27.29
N LYS B 263 19.14 -7.02 -27.29
CA LYS B 263 18.06 -7.99 -27.42
C LYS B 263 17.23 -8.08 -26.15
N TRP B 264 17.85 -7.91 -24.98
CA TRP B 264 17.14 -8.06 -23.72
C TRP B 264 17.84 -7.35 -22.58
N LEU B 265 19.16 -7.53 -22.46
CA LEU B 265 19.87 -7.08 -21.27
C LEU B 265 19.73 -5.58 -21.07
N CYS B 266 20.15 -4.81 -22.07
CA CYS B 266 20.15 -3.35 -21.97
C CYS B 266 18.87 -2.75 -22.51
N SER B 267 17.99 -3.55 -23.11
N SER B 267 18.00 -3.56 -23.10
CA SER B 267 16.68 -3.04 -23.48
CA SER B 267 16.68 -3.09 -23.50
C SER B 267 15.74 -3.20 -22.29
C SER B 267 15.73 -3.19 -22.32
N GLU B 268 14.97 -4.29 -22.23
CA GLU B 268 13.92 -4.37 -21.23
C GLU B 268 14.46 -4.60 -19.82
N PHE B 269 15.48 -5.43 -19.64
CA PHE B 269 15.95 -5.73 -18.28
C PHE B 269 16.52 -4.49 -17.60
N LYS B 270 17.53 -3.86 -18.23
CA LYS B 270 18.12 -2.67 -17.64
C LYS B 270 17.11 -1.52 -17.54
N GLU B 271 16.16 -1.46 -18.48
CA GLU B 271 15.11 -0.45 -18.42
C GLU B 271 14.33 -0.52 -17.11
N SER B 272 13.94 -1.74 -16.71
CA SER B 272 13.22 -1.89 -15.45
C SER B 272 14.10 -1.56 -14.27
N MET B 273 15.36 -1.99 -14.30
CA MET B 273 16.24 -1.81 -13.15
C MET B 273 16.66 -0.36 -12.94
N LEU B 274 16.64 0.48 -13.96
CA LEU B 274 16.99 1.88 -13.75
C LEU B 274 15.78 2.74 -13.46
N THR B 275 14.60 2.14 -13.37
CA THR B 275 13.40 2.92 -13.08
C THR B 275 13.48 3.51 -11.67
N LEU B 276 13.10 4.78 -11.56
CA LEU B 276 12.96 5.45 -10.28
C LEU B 276 11.85 6.48 -10.39
N GLY B 277 10.82 6.33 -9.57
CA GLY B 277 9.78 7.34 -9.54
C GLY B 277 8.83 7.24 -10.72
N LYS B 278 7.92 8.21 -10.79
CA LYS B 278 6.76 8.13 -11.66
C LYS B 278 6.89 8.93 -12.95
N GLU B 279 7.92 9.75 -13.10
CA GLU B 279 8.03 10.62 -14.27
C GLU B 279 8.91 9.96 -15.33
N SER B 280 8.50 10.12 -16.59
CA SER B 280 9.16 9.46 -17.72
C SER B 280 10.53 10.07 -18.03
N SER B 286 20.31 5.16 -22.88
CA SER B 286 20.63 5.28 -21.45
C SER B 286 22.13 5.15 -21.20
N SER B 287 22.65 6.03 -20.35
CA SER B 287 24.07 6.07 -20.03
C SER B 287 24.38 5.47 -18.67
N VAL B 288 23.40 4.84 -18.02
CA VAL B 288 23.63 4.31 -16.67
C VAL B 288 24.65 3.18 -16.74
N PRO B 289 25.71 3.21 -15.92
CA PRO B 289 26.67 2.11 -15.94
C PRO B 289 26.08 0.84 -15.34
N LEU B 290 26.43 -0.30 -15.92
CA LEU B 290 25.92 -1.59 -15.47
C LEU B 290 27.10 -2.47 -15.07
N TYR B 291 27.13 -2.87 -13.80
CA TYR B 291 28.16 -3.74 -13.25
C TYR B 291 27.55 -5.10 -12.99
N LEU B 292 28.10 -6.14 -13.62
CA LEU B 292 27.67 -7.51 -13.38
C LEU B 292 28.79 -8.24 -12.65
N ILE B 293 28.47 -8.84 -11.51
CA ILE B 293 29.45 -9.51 -10.66
C ILE B 293 29.25 -11.01 -10.80
N TYR B 294 30.28 -11.70 -11.30
CA TYR B 294 30.23 -13.12 -11.53
C TYR B 294 31.65 -13.69 -11.37
N PRO B 295 31.83 -14.80 -10.66
CA PRO B 295 33.18 -15.31 -10.39
C PRO B 295 33.99 -15.61 -11.63
N SER B 296 35.23 -15.12 -11.65
CA SER B 296 36.23 -15.53 -12.62
C SER B 296 36.67 -16.96 -12.34
N VAL B 297 37.31 -17.57 -13.34
CA VAL B 297 37.97 -18.85 -13.13
C VAL B 297 38.92 -18.76 -11.94
N GLU B 298 39.70 -17.67 -11.88
N GLU B 298 39.71 -17.67 -11.87
CA GLU B 298 40.65 -17.52 -10.78
CA GLU B 298 40.66 -17.54 -10.78
C GLU B 298 39.96 -17.43 -9.43
C GLU B 298 39.96 -17.43 -9.43
N ASN B 299 38.81 -16.73 -9.39
CA ASN B 299 38.03 -16.66 -8.16
C ASN B 299 37.67 -18.05 -7.67
N VAL B 300 37.22 -18.90 -8.61
CA VAL B 300 36.81 -20.25 -8.25
C VAL B 300 38.03 -21.10 -7.88
N ARG B 301 39.09 -21.01 -8.69
CA ARG B 301 40.27 -21.86 -8.49
C ARG B 301 40.85 -21.69 -7.09
N THR B 302 40.86 -20.47 -6.56
CA THR B 302 41.48 -20.22 -5.26
C THR B 302 40.47 -20.09 -4.13
N SER B 303 39.25 -20.56 -4.34
CA SER B 303 38.22 -20.44 -3.32
C SER B 303 38.42 -21.50 -2.23
N LEU B 304 37.63 -21.38 -1.16
CA LEU B 304 37.67 -22.36 -0.08
C LEU B 304 37.40 -23.77 -0.59
N GLU B 305 36.49 -23.89 -1.57
CA GLU B 305 36.15 -25.19 -2.13
C GLU B 305 37.05 -25.60 -3.27
N GLY B 306 37.73 -24.65 -3.91
CA GLY B 306 38.43 -24.95 -5.14
C GLY B 306 37.47 -25.09 -6.31
N TYR B 307 37.92 -25.79 -7.34
CA TYR B 307 37.09 -25.98 -8.52
C TYR B 307 35.70 -26.53 -8.24
N PRO B 308 35.48 -27.41 -7.26
CA PRO B 308 34.11 -27.89 -7.01
C PRO B 308 33.11 -26.80 -6.69
N ALA B 309 33.55 -25.60 -6.26
CA ALA B 309 32.60 -24.51 -6.14
C ALA B 309 31.92 -24.22 -7.48
N GLY B 310 32.62 -24.48 -8.58
CA GLY B 310 32.08 -24.23 -9.90
C GLY B 310 30.98 -25.19 -10.30
N GLY B 311 30.81 -26.29 -9.56
CA GLY B 311 29.64 -27.13 -9.76
C GLY B 311 28.34 -26.42 -9.48
N SER B 312 28.39 -25.31 -8.73
CA SER B 312 27.22 -24.51 -8.41
C SER B 312 27.22 -23.17 -9.12
N LEU B 313 28.02 -23.03 -10.17
CA LEU B 313 28.08 -21.85 -11.03
C LEU B 313 27.88 -22.32 -12.47
N PRO B 314 26.64 -22.70 -12.85
CA PRO B 314 26.43 -23.51 -14.07
C PRO B 314 26.30 -22.68 -15.35
N TYR B 315 27.33 -21.92 -15.67
CA TYR B 315 27.42 -21.19 -16.93
C TYR B 315 28.05 -22.12 -17.97
N SER B 316 27.30 -22.45 -19.02
CA SER B 316 27.74 -23.43 -20.00
C SER B 316 28.54 -22.77 -21.11
N ILE B 317 29.45 -23.57 -21.70
CA ILE B 317 30.23 -23.07 -22.83
C ILE B 317 29.33 -22.84 -24.03
N GLN B 318 28.30 -23.69 -24.22
CA GLN B 318 27.39 -23.52 -25.34
C GLN B 318 26.68 -22.18 -25.26
N THR B 319 26.29 -21.77 -24.05
CA THR B 319 25.65 -20.47 -23.86
C THR B 319 26.66 -19.33 -23.96
N ALA B 320 27.81 -19.47 -23.31
CA ALA B 320 28.77 -18.36 -23.24
C ALA B 320 29.30 -17.98 -24.61
N GLU B 321 29.54 -18.96 -25.48
CA GLU B 321 30.17 -18.66 -26.76
C GLU B 321 29.23 -17.94 -27.72
N LYS B 322 27.93 -17.90 -27.45
CA LYS B 322 26.99 -17.12 -28.25
C LYS B 322 26.87 -15.68 -27.80
N GLN B 323 27.54 -15.30 -26.71
CA GLN B 323 27.31 -13.99 -26.12
C GLN B 323 28.60 -13.49 -25.45
N ASN B 324 29.71 -13.55 -26.18
CA ASN B 324 30.94 -13.05 -25.58
C ASN B 324 30.92 -11.53 -25.41
N TRP B 325 30.02 -10.83 -26.09
CA TRP B 325 29.80 -9.41 -25.81
C TRP B 325 29.50 -9.17 -24.34
N LEU B 326 28.88 -10.14 -23.66
CA LEU B 326 28.41 -9.93 -22.30
C LEU B 326 29.57 -9.81 -21.31
N HIS B 327 30.68 -10.49 -21.58
CA HIS B 327 31.72 -10.63 -20.56
C HIS B 327 32.48 -9.33 -20.33
N SER B 328 32.36 -8.34 -21.22
N SER B 328 32.36 -8.34 -21.22
CA SER B 328 32.92 -7.03 -20.96
CA SER B 328 32.92 -7.03 -20.97
C SER B 328 32.23 -6.32 -19.80
C SER B 328 32.20 -6.30 -19.82
N TYR B 329 31.06 -6.81 -19.37
CA TYR B 329 30.37 -6.26 -18.20
C TYR B 329 30.78 -6.93 -16.89
N PHE B 330 31.59 -7.99 -16.95
CA PHE B 330 31.81 -8.84 -15.78
C PHE B 330 32.88 -8.29 -14.85
N HIS B 331 32.59 -8.36 -13.55
CA HIS B 331 33.46 -7.92 -12.48
C HIS B 331 33.67 -9.06 -11.50
N LYS B 332 34.87 -9.11 -10.91
CA LYS B 332 35.27 -10.20 -10.03
C LYS B 332 34.40 -10.25 -8.78
N TRP B 333 34.35 -11.44 -8.17
CA TRP B 333 33.79 -11.55 -6.83
C TRP B 333 34.84 -11.15 -5.81
N SER B 334 34.48 -10.22 -4.93
CA SER B 334 35.37 -9.78 -3.86
C SER B 334 34.50 -9.40 -2.68
N ALA B 335 34.81 -9.91 -1.50
CA ALA B 335 33.94 -9.69 -0.34
C ALA B 335 34.78 -9.56 0.94
N GLU B 336 35.85 -8.76 0.88
CA GLU B 336 36.65 -8.53 2.07
C GLU B 336 35.80 -7.98 3.21
N THR B 337 34.78 -7.19 2.86
CA THR B 337 33.92 -6.59 3.88
C THR B 337 33.28 -7.62 4.80
N SER B 338 32.98 -8.82 4.29
CA SER B 338 32.39 -9.89 5.08
C SER B 338 33.31 -11.10 5.19
N GLY B 339 34.59 -10.94 4.84
CA GLY B 339 35.55 -12.04 4.95
C GLY B 339 35.25 -13.18 4.01
N ARG B 340 34.55 -12.92 2.91
CA ARG B 340 34.00 -13.99 2.08
C ARG B 340 34.51 -13.96 0.64
N SER B 341 35.68 -13.36 0.39
CA SER B 341 36.22 -13.34 -0.97
C SER B 341 36.45 -14.76 -1.48
N ASN B 342 36.71 -15.72 -0.59
CA ASN B 342 36.96 -17.10 -0.99
C ASN B 342 35.75 -18.00 -0.83
N ALA B 343 34.60 -17.43 -0.42
CA ALA B 343 33.36 -18.18 -0.28
C ALA B 343 32.51 -17.86 -1.50
N MET B 344 32.50 -18.77 -2.48
CA MET B 344 31.91 -18.42 -3.77
C MET B 344 30.42 -18.10 -3.62
N PRO B 345 29.92 -17.15 -4.41
CA PRO B 345 28.54 -16.70 -4.24
C PRO B 345 27.52 -17.67 -4.83
N HIS B 346 26.53 -18.02 -4.02
CA HIS B 346 25.28 -18.57 -4.50
C HIS B 346 24.12 -17.64 -4.17
N ILE B 347 24.38 -16.57 -3.42
CA ILE B 347 23.43 -15.47 -3.28
C ILE B 347 23.26 -14.78 -4.63
N LYS B 348 22.09 -14.18 -4.85
CA LYS B 348 21.88 -13.27 -5.97
C LYS B 348 21.38 -11.96 -5.41
N THR B 349 21.96 -10.85 -5.87
CA THR B 349 21.55 -9.53 -5.40
C THR B 349 21.57 -8.54 -6.57
N TYR B 350 20.73 -7.51 -6.44
CA TYR B 350 20.66 -6.42 -7.39
C TYR B 350 20.47 -5.14 -6.58
N MET B 351 21.14 -4.06 -6.99
CA MET B 351 21.07 -2.84 -6.20
C MET B 351 21.43 -1.63 -7.06
N ARG B 352 21.19 -0.45 -6.51
CA ARG B 352 21.36 0.81 -7.24
C ARG B 352 22.20 1.77 -6.42
N PRO B 353 23.52 1.62 -6.46
N PRO B 353 23.52 1.62 -6.44
CA PRO B 353 24.40 2.49 -5.66
CA PRO B 353 24.39 2.49 -5.65
C PRO B 353 24.51 3.90 -6.25
C PRO B 353 24.51 3.89 -6.24
N SER B 354 24.99 4.81 -5.41
CA SER B 354 25.30 6.18 -5.81
C SER B 354 26.61 6.18 -6.62
N PRO B 355 26.94 7.28 -7.29
CA PRO B 355 28.13 7.26 -8.16
C PRO B 355 29.42 6.94 -7.42
N ASP B 356 29.53 7.29 -6.14
CA ASP B 356 30.70 6.95 -5.33
C ASP B 356 30.46 5.73 -4.44
N PHE B 357 29.36 5.01 -4.64
CA PHE B 357 29.06 3.75 -3.96
C PHE B 357 28.93 3.91 -2.44
N SER B 358 28.67 5.12 -1.95
CA SER B 358 28.54 5.29 -0.51
C SER B 358 27.09 5.14 -0.05
N LYS B 359 26.14 5.17 -0.97
CA LYS B 359 24.73 5.00 -0.65
C LYS B 359 24.10 4.10 -1.70
N ILE B 360 22.90 3.58 -1.39
CA ILE B 360 22.15 2.80 -2.37
C ILE B 360 20.70 3.26 -2.35
N ALA B 361 20.06 3.23 -3.53
CA ALA B 361 18.66 3.60 -3.65
C ALA B 361 17.72 2.45 -3.33
N TRP B 362 18.21 1.20 -3.41
CA TRP B 362 17.42 0.02 -3.11
C TRP B 362 18.34 -1.18 -3.18
N PHE B 363 17.88 -2.30 -2.61
CA PHE B 363 18.65 -3.52 -2.56
C PHE B 363 17.66 -4.67 -2.64
N LEU B 364 17.98 -5.67 -3.47
CA LEU B 364 17.14 -6.84 -3.66
C LEU B 364 17.98 -8.10 -3.44
N VAL B 365 17.50 -9.03 -2.63
CA VAL B 365 18.09 -10.37 -2.54
C VAL B 365 17.05 -11.34 -3.07
N THR B 366 17.49 -12.28 -3.90
CA THR B 366 16.54 -13.11 -4.64
C THR B 366 17.20 -14.42 -5.06
N SER B 367 16.36 -15.37 -5.45
CA SER B 367 16.80 -16.57 -6.13
C SER B 367 17.13 -16.36 -7.61
N ALA B 368 16.73 -15.23 -8.19
CA ALA B 368 16.75 -15.01 -9.64
C ALA B 368 18.15 -14.69 -10.13
N ASN B 369 18.69 -15.60 -10.95
CA ASN B 369 19.91 -15.36 -11.70
C ASN B 369 19.64 -14.44 -12.90
N LEU B 370 20.69 -14.16 -13.67
CA LEU B 370 20.59 -13.27 -14.83
C LEU B 370 20.14 -14.08 -16.05
N SER B 371 18.83 -14.27 -16.16
CA SER B 371 18.27 -15.06 -17.23
C SER B 371 16.87 -14.55 -17.57
N LYS B 372 16.49 -14.69 -18.83
CA LYS B 372 15.11 -14.38 -19.23
C LYS B 372 14.12 -15.34 -18.58
N ALA B 373 14.52 -16.58 -18.30
CA ALA B 373 13.61 -17.53 -17.69
C ALA B 373 13.18 -17.06 -16.30
N ALA B 374 14.12 -16.45 -15.57
CA ALA B 374 13.83 -16.02 -14.20
C ALA B 374 13.13 -14.67 -14.17
N TRP B 375 13.52 -13.74 -15.03
CA TRP B 375 13.06 -12.36 -14.94
C TRP B 375 11.94 -12.04 -15.90
N GLY B 376 11.77 -12.82 -16.95
CA GLY B 376 10.73 -12.60 -17.93
C GLY B 376 11.27 -11.97 -19.20
N ALA B 377 10.63 -12.28 -20.32
CA ALA B 377 10.95 -11.71 -21.62
C ALA B 377 9.66 -11.32 -22.33
N LEU B 378 9.63 -10.11 -22.86
CA LEU B 378 8.46 -9.64 -23.58
C LEU B 378 8.27 -10.42 -24.88
N GLU B 379 7.01 -10.75 -25.17
CA GLU B 379 6.61 -11.37 -26.43
C GLU B 379 5.42 -10.62 -27.01
N LYS B 380 5.05 -10.99 -28.22
CA LYS B 380 3.88 -10.46 -28.91
C LYS B 380 3.93 -8.93 -28.97
N ASN B 381 5.03 -8.44 -29.52
CA ASN B 381 5.33 -7.00 -29.64
C ASN B 381 5.00 -6.27 -28.34
N GLY B 382 5.66 -6.71 -27.27
CA GLY B 382 5.63 -6.01 -26.00
C GLY B 382 4.38 -6.21 -25.16
N THR B 383 3.44 -7.04 -25.59
CA THR B 383 2.17 -7.16 -24.89
C THR B 383 2.14 -8.28 -23.86
N GLN B 384 2.97 -9.31 -24.02
CA GLN B 384 3.01 -10.44 -23.10
C GLN B 384 4.40 -10.52 -22.48
N LEU B 385 4.44 -10.68 -21.15
CA LEU B 385 5.67 -11.01 -20.44
C LEU B 385 5.65 -12.50 -20.15
N MET B 386 6.58 -13.25 -20.74
CA MET B 386 6.66 -14.68 -20.55
C MET B 386 7.74 -15.00 -19.53
N ILE B 387 7.38 -15.77 -18.52
CA ILE B 387 8.27 -16.21 -17.46
C ILE B 387 8.23 -17.73 -17.40
N ARG B 388 9.40 -18.36 -17.25
CA ARG B 388 9.45 -19.81 -17.27
C ARG B 388 9.49 -20.46 -15.89
N SER B 389 9.99 -19.75 -14.87
N SER B 389 9.98 -19.74 -14.87
CA SER B 389 10.35 -20.39 -13.61
CA SER B 389 10.34 -20.35 -13.60
C SER B 389 9.70 -19.68 -12.42
C SER B 389 9.63 -19.70 -12.43
N TYR B 390 9.71 -20.38 -11.29
CA TYR B 390 9.37 -19.79 -10.00
C TYR B 390 10.64 -19.19 -9.39
N GLU B 391 10.56 -17.92 -8.98
CA GLU B 391 11.65 -17.23 -8.29
C GLU B 391 11.04 -16.38 -7.18
N LEU B 392 11.85 -16.04 -6.18
CA LEU B 392 11.34 -15.19 -5.12
C LEU B 392 12.47 -14.43 -4.45
N GLY B 393 12.21 -13.15 -4.15
CA GLY B 393 13.13 -12.32 -3.39
C GLY B 393 12.40 -11.22 -2.67
N VAL B 394 13.16 -10.44 -1.89
CA VAL B 394 12.61 -9.30 -1.15
C VAL B 394 13.39 -8.05 -1.48
N LEU B 395 12.66 -6.94 -1.58
CA LEU B 395 13.21 -5.66 -1.97
C LEU B 395 13.19 -4.71 -0.78
N PHE B 396 14.36 -4.16 -0.46
CA PHE B 396 14.51 -3.11 0.54
C PHE B 396 14.50 -1.76 -0.15
N LEU B 397 13.48 -0.94 0.15
CA LEU B 397 13.37 0.43 -0.35
C LEU B 397 13.51 1.41 0.80
N PRO B 398 14.30 2.47 0.63
CA PRO B 398 14.44 3.46 1.72
C PRO B 398 13.11 4.00 2.23
N SER B 399 12.14 4.22 1.34
CA SER B 399 10.87 4.79 1.78
C SER B 399 10.16 3.88 2.79
N ALA B 400 10.36 2.57 2.70
CA ALA B 400 9.73 1.67 3.65
C ALA B 400 10.35 1.73 5.03
N PHE B 401 11.47 2.45 5.17
CA PHE B 401 12.16 2.64 6.44
C PHE B 401 12.19 4.11 6.86
N GLY B 402 11.42 4.96 6.18
CA GLY B 402 11.42 6.39 6.49
C GLY B 402 12.69 7.10 6.06
N LEU B 403 13.37 6.61 5.04
CA LEU B 403 14.64 7.14 4.59
C LEU B 403 14.58 7.54 3.12
N ASP B 404 15.50 8.41 2.73
CA ASP B 404 15.65 8.78 1.32
C ASP B 404 16.59 7.85 0.58
N SER B 405 17.61 7.34 1.28
CA SER B 405 18.53 6.35 0.75
C SER B 405 19.09 5.56 1.92
N PHE B 406 19.79 4.48 1.61
CA PHE B 406 20.54 3.72 2.60
C PHE B 406 22.02 4.07 2.50
N LYS B 407 22.65 4.27 3.65
N LYS B 407 22.65 4.27 3.65
CA LYS B 407 24.11 4.31 3.70
CA LYS B 407 24.12 4.32 3.68
C LYS B 407 24.65 2.89 3.65
C LYS B 407 24.66 2.90 3.66
N VAL B 408 25.76 2.70 2.94
CA VAL B 408 26.37 1.38 2.84
C VAL B 408 27.21 1.12 4.08
N LYS B 409 26.98 -0.03 4.71
CA LYS B 409 27.77 -0.42 5.88
C LYS B 409 29.23 -0.68 5.47
N GLN B 410 30.16 -0.06 6.20
CA GLN B 410 31.56 -0.12 5.78
C GLN B 410 32.17 -1.49 6.07
N LYS B 411 31.97 -2.02 7.27
CA LYS B 411 32.33 -3.40 7.59
C LYS B 411 31.04 -4.17 7.87
N PHE B 412 30.82 -5.26 7.11
CA PHE B 412 29.55 -5.95 7.13
C PHE B 412 29.17 -6.44 8.53
N PHE B 413 30.15 -6.82 9.34
CA PHE B 413 29.90 -7.37 10.66
C PHE B 413 30.22 -6.39 11.80
N ALA B 414 30.55 -5.14 11.48
CA ALA B 414 30.83 -4.16 12.53
C ALA B 414 29.54 -3.57 13.07
N GLY B 415 29.66 -2.72 14.09
CA GLY B 415 28.50 -2.09 14.70
C GLY B 415 28.39 -0.62 14.36
N SER B 416 27.59 -0.29 13.34
CA SER B 416 27.54 1.06 12.80
C SER B 416 26.98 2.05 13.81
N GLN B 417 27.38 3.31 13.68
CA GLN B 417 26.89 4.37 14.53
C GLN B 417 25.46 4.80 14.19
N GLU B 418 24.89 4.26 13.12
CA GLU B 418 23.50 4.52 12.75
C GLU B 418 22.98 3.28 12.04
N PRO B 419 22.68 2.21 12.80
CA PRO B 419 22.33 0.94 12.16
C PRO B 419 20.97 0.94 11.46
N MET B 420 20.04 1.81 11.87
CA MET B 420 18.72 1.86 11.24
C MET B 420 18.72 2.56 9.89
N ALA B 421 19.88 3.07 9.45
CA ALA B 421 19.97 3.73 8.17
C ALA B 421 21.08 3.15 7.29
N THR B 422 21.70 2.05 7.71
CA THR B 422 22.99 1.57 7.17
C THR B 422 22.85 0.13 6.66
N PHE B 423 22.94 -0.04 5.33
CA PHE B 423 22.56 -1.38 4.86
C PHE B 423 23.78 -2.28 4.73
N PRO B 424 23.67 -3.53 5.18
CA PRO B 424 24.83 -4.44 5.13
C PRO B 424 25.01 -5.11 3.77
N VAL B 425 25.63 -4.39 2.85
CA VAL B 425 26.01 -4.94 1.54
C VAL B 425 27.10 -5.99 1.75
N PRO B 426 26.91 -7.23 1.28
CA PRO B 426 27.81 -8.31 1.67
C PRO B 426 29.09 -8.45 0.84
N TYR B 427 29.29 -7.67 -0.23
CA TYR B 427 30.51 -7.72 -1.03
C TYR B 427 31.04 -6.32 -1.24
N ASP B 428 32.23 -6.23 -1.83
CA ASP B 428 33.02 -5.00 -1.85
C ASP B 428 32.56 -4.06 -2.96
N LEU B 429 32.61 -2.76 -2.67
CA LEU B 429 32.32 -1.71 -3.62
C LEU B 429 33.51 -0.75 -3.71
N PRO B 430 33.84 -0.26 -4.91
CA PRO B 430 33.19 -0.57 -6.18
C PRO B 430 33.62 -1.96 -6.65
N PRO B 431 32.81 -2.61 -7.49
CA PRO B 431 33.25 -3.89 -8.05
C PRO B 431 34.44 -3.69 -8.97
N GLU B 432 35.30 -4.71 -9.03
CA GLU B 432 36.53 -4.65 -9.81
C GLU B 432 36.36 -5.39 -11.13
N LEU B 433 36.68 -4.70 -12.23
CA LEU B 433 36.56 -5.29 -13.55
C LEU B 433 37.50 -6.49 -13.69
N TYR B 434 37.03 -7.52 -14.40
CA TYR B 434 37.93 -8.59 -14.85
C TYR B 434 39.19 -8.00 -15.45
N GLY B 435 40.33 -8.66 -15.17
CA GLY B 435 41.55 -8.36 -15.89
C GLY B 435 41.53 -8.96 -17.28
N SER B 436 42.49 -8.53 -18.11
CA SER B 436 42.50 -8.95 -19.50
C SER B 436 42.71 -10.45 -19.66
N LYS B 437 43.34 -11.11 -18.68
CA LYS B 437 43.51 -12.56 -18.70
C LYS B 437 42.45 -13.30 -17.92
N ASP B 438 41.56 -12.60 -17.22
CA ASP B 438 40.47 -13.27 -16.51
C ASP B 438 39.44 -13.79 -17.51
N ARG B 439 38.76 -14.86 -17.11
CA ARG B 439 37.69 -15.45 -17.89
C ARG B 439 36.54 -15.78 -16.96
N PRO B 440 35.31 -15.71 -17.44
CA PRO B 440 34.19 -16.13 -16.60
C PRO B 440 34.28 -17.61 -16.31
N TRP B 441 33.90 -17.99 -15.09
CA TRP B 441 33.80 -19.41 -14.79
C TRP B 441 32.79 -20.07 -15.71
N ILE B 442 33.22 -21.10 -16.43
CA ILE B 442 32.36 -21.90 -17.30
C ILE B 442 32.48 -23.33 -16.81
N TRP B 443 31.34 -23.92 -16.41
CA TRP B 443 31.44 -25.10 -15.57
C TRP B 443 31.70 -26.39 -16.35
N ASN B 444 31.43 -26.43 -17.65
CA ASN B 444 31.51 -27.69 -18.39
C ASN B 444 32.67 -27.72 -19.39
N ILE B 445 33.78 -27.06 -19.07
CA ILE B 445 35.04 -27.25 -19.79
C ILE B 445 36.12 -27.56 -18.75
N PRO B 446 37.20 -28.21 -19.16
CA PRO B 446 38.23 -28.58 -18.20
C PRO B 446 39.18 -27.45 -17.84
N TYR B 447 39.69 -27.52 -16.62
CA TYR B 447 40.76 -26.62 -16.14
C TYR B 447 41.85 -27.54 -15.60
N VAL B 448 42.90 -27.72 -16.39
CA VAL B 448 43.88 -28.77 -16.09
C VAL B 448 45.30 -28.23 -16.14
N LYS B 449 45.48 -26.91 -16.17
CA LYS B 449 46.82 -26.36 -16.23
C LYS B 449 47.24 -25.70 -14.92
N ALA B 450 46.34 -25.52 -13.98
CA ALA B 450 46.64 -24.91 -12.69
C ALA B 450 45.80 -25.56 -11.59
N PRO B 451 46.42 -26.20 -10.61
CA PRO B 451 45.64 -26.86 -9.56
C PRO B 451 44.95 -25.83 -8.68
N ASP B 452 43.87 -26.27 -8.05
CA ASP B 452 43.08 -25.39 -7.20
C ASP B 452 43.60 -25.42 -5.77
N THR B 453 42.82 -24.85 -4.86
CA THR B 453 43.16 -24.78 -3.44
C THR B 453 43.56 -26.14 -2.87
N HIS B 454 42.91 -27.21 -3.34
CA HIS B 454 43.14 -28.54 -2.79
C HIS B 454 44.03 -29.38 -3.68
N GLY B 455 44.77 -28.73 -4.59
CA GLY B 455 45.69 -29.46 -5.45
C GLY B 455 45.03 -30.28 -6.54
N ASN B 456 43.79 -29.94 -6.90
CA ASN B 456 42.99 -30.71 -7.84
C ASN B 456 42.78 -29.95 -9.15
N MET B 457 42.51 -30.71 -10.20
CA MET B 457 42.07 -30.17 -11.48
C MET B 457 40.58 -30.39 -11.63
N TRP B 458 40.01 -29.79 -12.67
CA TRP B 458 38.57 -29.86 -12.91
C TRP B 458 38.32 -30.48 -14.28
N VAL B 459 37.67 -31.64 -14.28
CA VAL B 459 37.36 -32.36 -15.52
C VAL B 459 35.90 -32.77 -15.51
N PRO B 460 35.00 -32.02 -16.17
CA PRO B 460 33.54 -32.25 -16.18
C PRO B 460 33.14 -33.61 -16.72
C1 EDO C . -13.59 13.93 -3.38
O1 EDO C . -12.18 13.81 -3.52
C2 EDO C . -14.10 12.76 -2.54
O2 EDO C . -13.60 12.83 -1.18
C1 EDO D . 2.05 22.28 14.70
O1 EDO D . 2.74 22.93 15.78
C2 EDO D . 2.55 22.83 13.38
O2 EDO D . 2.64 24.25 13.51
C1 EDO E . -31.24 1.00 8.06
O1 EDO E . -31.84 0.76 6.78
C2 EDO E . -29.73 0.91 7.94
O2 EDO E . -29.32 1.77 6.87
C1 EDO F . -3.03 11.00 -2.06
O1 EDO F . -4.31 11.22 -1.48
C2 EDO F . -3.13 10.26 -3.38
O2 EDO F . -3.20 11.28 -4.38
C1 EDO G . 9.46 8.74 8.49
O1 EDO G . 8.61 8.44 9.61
C2 EDO G . 9.05 10.05 7.83
O2 EDO G . 7.67 9.95 7.44
C10 YE3 H . -22.70 27.56 -2.36
C10 YE3 H . -22.60 28.08 -1.92
C13 YE3 H . -21.88 30.21 -2.37
C13 YE3 H . -21.40 30.57 -1.52
C17 YE3 H . -20.53 31.89 1.26
C17 YE3 H . -20.32 31.41 2.92
C22 YE3 H . -24.39 27.99 0.70
C22 YE3 H . -24.39 28.16 1.01
C24 YE3 H . -24.07 26.35 2.45
C24 YE3 H . -24.17 26.48 2.73
C26 YE3 H . -22.03 24.88 2.48
C26 YE3 H . -22.05 25.12 2.91
C02 YE3 H . -19.88 23.40 2.41
C02 YE3 H . -19.81 23.81 2.96
C04 YE3 H . -20.78 24.52 1.82
C04 YE3 H . -20.73 24.86 2.35
C05 YE3 H . -20.42 25.17 0.69
C05 YE3 H . -20.31 25.57 1.28
C07 YE3 H . -22.41 26.59 0.69
C07 YE3 H . -22.36 26.87 1.16
C08 YE3 H . -23.18 27.62 0.08
C08 YE3 H . -23.12 27.87 0.51
C09 YE3 H . -22.73 28.29 -1.15
C09 YE3 H . -22.56 28.62 -0.62
C11 YE3 H . -22.28 28.13 -3.57
C11 YE3 H . -22.06 28.77 -3.02
C12 YE3 H . -21.87 29.46 -3.57
C12 YE3 H . -21.46 30.02 -2.81
C14 YE3 H . -22.31 29.65 -1.16
C14 YE3 H . -21.94 29.90 -0.40
C16 YE3 H . -21.70 31.75 0.21
C16 YE3 H . -20.97 31.56 1.45
C23 YE3 H . -24.83 27.37 1.87
C23 YE3 H . -24.92 27.48 2.11
C25 YE3 H . -22.85 25.96 1.87
C25 YE3 H . -22.88 26.17 2.26
F21 YE3 H . -17.80 31.11 3.77
N06 YE3 H . -21.21 26.18 0.13
N06 YE3 H . -21.10 26.56 0.71
N15 YE3 H . -22.32 30.42 0.06
N15 YE3 H . -21.89 30.47 0.97
O01 YE3 H . -19.86 23.31 3.67
O01 YE3 H . -18.60 23.95 2.73
O03 YE3 H . -19.24 22.69 1.61
O03 YE3 H . -20.33 22.91 3.63
O19 YE3 H . -18.16 31.13 2.12
O19 YE3 H . -18.21 32.98 2.35
O20 YE3 H . -18.47 31.11 -0.22
O20 YE3 H . -18.97 32.99 4.62
O27 YE3 H . -22.41 24.33 3.52
O27 YE3 H . -22.51 24.51 3.87
S18 YE3 H . -19.06 30.96 1.05
S18 YE3 H . -18.83 32.26 3.41
C1 PEG I . -5.58 -1.05 7.26
O1 PEG I . -5.58 -1.07 8.66
C2 PEG I . -5.89 -2.42 6.70
O2 PEG I . -4.96 -2.89 5.76
C3 PEG I . -5.48 -3.52 4.64
C4 PEG I . -4.92 -2.97 3.35
O4 PEG I . -5.09 -3.93 2.34
S DMS J . -39.63 15.13 -8.75
O DMS J . -40.00 16.56 -9.01
C1 DMS J . -38.92 14.38 -10.24
C2 DMS J . -41.11 14.11 -8.51
C1 EDO K . 13.16 -11.36 -8.61
O1 EDO K . 12.88 -11.82 -7.29
C2 EDO K . 12.48 -12.31 -9.59
O2 EDO K . 11.07 -12.20 -9.43
C1 EDO L . 30.78 -2.34 1.67
O1 EDO L . 30.17 -3.01 0.55
C2 EDO L . 32.28 -2.47 1.56
O2 EDO L . 32.70 -2.08 0.25
C1 EDO M . -7.62 -12.10 6.07
O1 EDO M . -6.26 -11.96 5.63
C2 EDO M . -7.88 -11.13 7.20
O2 EDO M . -6.90 -11.29 8.22
C10 YE3 N . 21.42 -25.35 -14.11
C10 YE3 N . 21.41 -26.22 -13.98
C13 YE3 N . 20.27 -27.82 -14.62
C13 YE3 N . 19.94 -28.58 -13.88
C17 YE3 N . 19.50 -30.59 -11.39
C17 YE3 N . 19.76 -30.88 -9.82
C22 YE3 N . 23.52 -26.53 -11.65
C22 YE3 N . 23.51 -26.85 -11.48
C24 YE3 N . 23.58 -25.46 -9.48
C24 YE3 N . 23.66 -25.63 -9.40
C26 YE3 N . 21.60 -24.16 -8.64
C26 YE3 N . 21.65 -24.43 -8.50
C02 YE3 N . 19.48 -22.82 -7.87
C02 YE3 N . 19.49 -23.22 -7.65
C04 YE3 N . 20.24 -23.69 -8.92
C04 YE3 N . 20.24 -24.09 -8.69
C05 YE3 N . 19.65 -24.02 -10.10
C05 YE3 N . 19.59 -24.53 -9.79
C07 YE3 N . 21.60 -25.28 -10.88
C07 YE3 N . 21.56 -25.71 -10.63
C08 YE3 N . 22.22 -26.06 -11.89
C08 YE3 N . 22.17 -26.50 -11.64
C09 YE3 N . 21.51 -26.37 -13.14
C09 YE3 N . 21.40 -26.98 -12.79
C11 YE3 N . 20.77 -25.55 -15.33
C11 YE3 N . 20.69 -26.62 -15.12
C12 YE3 N . 20.19 -26.79 -15.58
C12 YE3 N . 19.96 -27.80 -15.05
C14 YE3 N . 20.93 -27.64 -13.39
C14 YE3 N . 20.65 -28.19 -12.73
C16 YE3 N . 20.40 -30.03 -12.57
C16 YE3 N . 20.16 -30.40 -11.32
C23 YE3 N . 24.20 -26.23 -10.46
C23 YE3 N . 24.25 -26.42 -10.38
C25 YE3 N . 22.27 -24.98 -9.68
C25 YE3 N . 22.30 -25.26 -9.53
F21 YE3 N . 17.94 -31.21 -7.92
N06 YE3 N . 20.32 -24.80 -11.05
N06 YE3 N . 20.24 -25.34 -10.73
N15 YE3 N . 21.00 -28.69 -12.40
N15 YE3 N . 20.65 -28.99 -11.49
O01 YE3 N . 19.69 -23.09 -6.66
O01 YE3 N . 18.27 -23.46 -7.51
O03 YE3 N . 18.72 -21.92 -8.32
O03 YE3 N . 20.16 -22.37 -7.05
O19 YE3 N . 17.12 -29.65 -12.05
O19 YE3 N . 17.10 -30.81 -10.10
O20 YE3 N . 17.43 -30.24 -9.76
O20 YE3 N . 18.04 -32.93 -9.56
O27 YE3 N . 22.18 -23.90 -7.59
O27 YE3 N . 22.29 -24.04 -7.52
S18 YE3 N . 18.02 -29.77 -10.96
S18 YE3 N . 18.15 -31.51 -9.46
C1 PEG O . -4.92 -10.40 3.18
O1 PEG O . -5.17 -9.23 3.93
C2 PEG O . -5.02 -10.10 1.69
O2 PEG O . -5.04 -11.27 0.92
C3 PEG O . -5.10 -11.06 -0.46
C4 PEG O . -4.29 -12.14 -1.17
O4 PEG O . -3.79 -11.77 -2.43
#